data_8QUR
#
_entry.id   8QUR
#
_cell.length_a   232.078
_cell.length_b   74.700
_cell.length_c   91.350
_cell.angle_alpha   90.000
_cell.angle_beta   112.209
_cell.angle_gamma   90.000
#
_symmetry.space_group_name_H-M   'C 1 2 1'
#
loop_
_entity.id
_entity.type
_entity.pdbx_description
1 polymer OmpK36
2 non-polymer 'SULFATE ION'
3 water water
#
_entity_poly.entity_id   1
_entity_poly.type   'polypeptide(L)'
_entity_poly.pdbx_seq_one_letter_code
;GAEIYNKDGNKLDLYGKIDGLHYFSDDKSVDGDQTYMRVGVKGETQINDQLTGYGQWEYNVQANNTESSSDQAWTRLAFA
GLKFGDAGSFDYGRNYGVVYDVTSWTDVLPEFGGDGDTYGSDNFLQSRANGVATYRNSDFFGLVDGLNFALQYQGKNGSV
SGEGATNNGRGWSKQNGDGFGTSLTYDIWDGISAGFAYSHSKRTDEQNSVPALGRGDNAETYTGGLKYDANNIYLASQYT
QTYNATRAGSLGFANKAQNFEVVAQYQFDFGLRPSVAYLQSKGKDLERGYGDQDILKYVDVGATYYFNKNMSTYVDYKIN
LLDDNSFTRNAGISTDDVVALGLVYQF
;
_entity_poly.pdbx_strand_id   A,B,C
#
loop_
_chem_comp.id
_chem_comp.type
_chem_comp.name
_chem_comp.formula
SO4 non-polymer 'SULFATE ION' 'O4 S -2'
#
# COMPACT_ATOMS: atom_id res chain seq x y z
N GLY A 1 -5.73 18.54 8.40
CA GLY A 1 -6.82 17.82 7.73
C GLY A 1 -7.54 18.72 6.73
N ALA A 2 -7.72 18.21 5.50
CA ALA A 2 -8.32 18.95 4.39
C ALA A 2 -9.69 18.36 4.05
N GLU A 3 -10.74 19.20 4.15
CA GLU A 3 -12.08 18.77 3.85
C GLU A 3 -12.31 18.76 2.34
N ILE A 4 -12.27 17.56 1.74
CA ILE A 4 -12.30 17.43 0.28
C ILE A 4 -13.73 17.13 -0.17
N TYR A 5 -14.64 16.89 0.77
CA TYR A 5 -16.03 16.59 0.43
C TYR A 5 -16.94 16.90 1.62
N ASN A 6 -18.03 17.62 1.33
CA ASN A 6 -19.03 17.95 2.33
C ASN A 6 -20.35 18.28 1.62
N LYS A 7 -21.30 17.35 1.65
CA LYS A 7 -22.48 17.43 0.82
C LYS A 7 -23.52 16.47 1.39
N ASP A 8 -24.75 16.97 1.64
CA ASP A 8 -25.88 16.13 2.01
C ASP A 8 -25.57 15.35 3.30
N GLY A 9 -24.98 16.05 4.28
CA GLY A 9 -24.69 15.50 5.59
C GLY A 9 -23.52 14.51 5.63
N ASN A 10 -22.76 14.33 4.53
CA ASN A 10 -21.58 13.49 4.53
C ASN A 10 -20.32 14.30 4.30
N LYS A 11 -19.39 14.22 5.26
CA LYS A 11 -18.13 14.94 5.16
C LYS A 11 -16.99 13.93 5.07
N LEU A 12 -15.96 14.34 4.33
CA LEU A 12 -14.78 13.54 4.13
C LEU A 12 -13.56 14.43 4.30
N ASP A 13 -12.60 13.92 5.07
CA ASP A 13 -11.49 14.71 5.56
C ASP A 13 -10.23 13.90 5.25
N LEU A 14 -9.40 14.48 4.39
CA LEU A 14 -8.13 13.91 4.02
C LEU A 14 -7.05 14.61 4.83
N TYR A 15 -6.14 13.82 5.42
CA TYR A 15 -5.13 14.36 6.30
C TYR A 15 -3.88 13.50 6.14
N GLY A 16 -2.75 14.02 6.64
CA GLY A 16 -1.50 13.28 6.54
C GLY A 16 -0.28 14.19 6.59
N LYS A 17 0.89 13.58 6.46
CA LYS A 17 2.11 14.37 6.47
C LYS A 17 3.20 13.65 5.71
N ILE A 18 4.16 14.46 5.24
CA ILE A 18 5.40 13.98 4.68
C ILE A 18 6.52 14.48 5.58
N ASP A 19 7.32 13.52 6.10
CA ASP A 19 8.29 13.82 7.14
C ASP A 19 9.67 13.47 6.60
N GLY A 20 10.37 14.52 6.15
CA GLY A 20 11.76 14.40 5.72
C GLY A 20 12.69 14.43 6.94
N LEU A 21 13.26 13.27 7.26
CA LEU A 21 13.75 12.99 8.59
C LEU A 21 15.04 12.19 8.46
N HIS A 22 16.09 12.66 9.16
CA HIS A 22 17.37 11.98 9.25
C HIS A 22 17.68 11.75 10.72
N TYR A 23 18.20 10.55 11.04
CA TYR A 23 18.70 10.17 12.35
C TYR A 23 20.22 10.04 12.33
N PHE A 24 20.89 10.50 13.40
CA PHE A 24 22.33 10.38 13.55
C PHE A 24 22.61 9.66 14.86
N SER A 25 23.40 8.59 14.80
CA SER A 25 23.61 7.78 15.98
C SER A 25 24.66 6.73 15.69
N ASP A 26 25.34 6.27 16.75
CA ASP A 26 26.30 5.19 16.61
C ASP A 26 25.57 3.86 16.49
N ASP A 27 24.29 3.81 16.90
CA ASP A 27 23.48 2.62 16.70
C ASP A 27 23.08 2.53 15.22
N LYS A 28 23.70 1.58 14.54
CA LYS A 28 23.59 1.43 13.09
C LYS A 28 22.18 1.03 12.66
N SER A 29 21.36 0.44 13.56
CA SER A 29 20.00 0.05 13.22
C SER A 29 18.98 1.21 13.35
N VAL A 30 19.49 2.39 13.73
CA VAL A 30 18.68 3.58 13.98
C VAL A 30 19.15 4.71 13.06
N ASP A 31 20.46 4.76 12.82
CA ASP A 31 21.13 5.81 12.08
C ASP A 31 20.70 5.79 10.63
N GLY A 32 20.59 6.96 10.01
CA GLY A 32 20.39 7.07 8.58
C GLY A 32 19.13 7.86 8.23
N ASP A 33 18.64 7.65 6.99
CA ASP A 33 17.40 8.23 6.49
C ASP A 33 16.19 7.52 7.09
N GLN A 34 15.17 8.30 7.48
CA GLN A 34 13.97 7.80 8.14
C GLN A 34 12.74 8.48 7.55
N THR A 35 12.86 8.98 6.32
CA THR A 35 11.74 9.63 5.67
C THR A 35 10.58 8.65 5.51
N TYR A 36 9.39 9.15 5.83
CA TYR A 36 8.15 8.40 5.83
C TYR A 36 7.02 9.41 5.62
N MET A 37 5.82 8.91 5.33
CA MET A 37 4.66 9.78 5.29
C MET A 37 3.45 9.04 5.83
N ARG A 38 2.41 9.82 6.11
CA ARG A 38 1.18 9.28 6.67
C ARG A 38 0.01 9.92 5.96
N VAL A 39 -1.00 9.08 5.75
CA VAL A 39 -2.15 9.48 4.99
C VAL A 39 -3.36 8.77 5.58
N GLY A 40 -4.47 9.50 5.57
CA GLY A 40 -5.66 9.08 6.26
C GLY A 40 -6.88 9.88 5.82
N VAL A 41 -8.02 9.34 6.25
CA VAL A 41 -9.33 9.80 5.86
C VAL A 41 -10.16 9.75 7.14
N LYS A 42 -10.91 10.85 7.39
CA LYS A 42 -11.87 10.91 8.47
C LYS A 42 -13.21 11.19 7.80
N GLY A 43 -14.17 10.31 8.05
CA GLY A 43 -15.45 10.37 7.38
C GLY A 43 -16.56 10.46 8.42
N GLU A 44 -17.57 11.27 8.14
CA GLU A 44 -18.66 11.49 9.07
C GLU A 44 -19.95 11.61 8.29
N THR A 45 -20.97 10.85 8.69
CA THR A 45 -22.26 10.88 8.04
C THR A 45 -23.35 11.11 9.08
N GLN A 46 -24.16 12.14 8.87
CA GLN A 46 -25.32 12.41 9.70
C GLN A 46 -26.41 11.38 9.38
N ILE A 47 -26.91 10.68 10.40
CA ILE A 47 -27.94 9.66 10.24
C ILE A 47 -29.30 10.22 10.65
N ASN A 48 -29.39 10.76 11.87
CA ASN A 48 -30.53 11.53 12.35
C ASN A 48 -30.05 12.53 13.41
N ASP A 49 -31.00 13.22 14.04
CA ASP A 49 -30.71 14.22 15.06
C ASP A 49 -29.84 13.67 16.19
N GLN A 50 -29.99 12.39 16.55
CA GLN A 50 -29.32 11.88 17.73
C GLN A 50 -28.27 10.85 17.37
N LEU A 51 -27.89 10.76 16.09
CA LEU A 51 -27.03 9.67 15.68
C LEU A 51 -26.18 10.10 14.49
N THR A 52 -24.85 10.00 14.65
CA THR A 52 -23.91 10.20 13.57
C THR A 52 -23.03 8.94 13.42
N GLY A 53 -22.77 8.56 12.17
CA GLY A 53 -21.83 7.51 11.88
C GLY A 53 -20.52 8.08 11.35
N TYR A 54 -19.43 7.34 11.54
CA TYR A 54 -18.11 7.82 11.22
C TYR A 54 -17.16 6.62 11.06
N GLY A 55 -16.06 6.90 10.36
CA GLY A 55 -14.98 5.94 10.23
C GLY A 55 -13.69 6.72 10.02
N GLN A 56 -12.58 6.03 10.28
CA GLN A 56 -11.29 6.64 10.08
C GLN A 56 -10.25 5.57 9.75
N TRP A 57 -9.38 5.95 8.82
CA TRP A 57 -8.27 5.13 8.40
C TRP A 57 -7.02 5.98 8.42
N GLU A 58 -5.92 5.40 8.87
CA GLU A 58 -4.64 6.07 8.84
C GLU A 58 -3.54 5.07 8.47
N TYR A 59 -2.75 5.45 7.45
CA TYR A 59 -1.82 4.55 6.80
C TYR A 59 -0.42 5.11 6.97
N ASN A 60 0.56 4.24 7.26
CA ASN A 60 1.94 4.65 7.34
C ASN A 60 2.67 4.13 6.11
N VAL A 61 3.48 4.97 5.47
CA VAL A 61 4.25 4.57 4.30
C VAL A 61 5.68 5.07 4.45
N GLN A 62 6.61 4.09 4.53
CA GLN A 62 8.02 4.38 4.64
C GLN A 62 8.57 4.74 3.26
N ALA A 63 9.51 5.69 3.23
CA ALA A 63 10.07 6.17 1.98
C ALA A 63 11.58 6.14 2.08
N ASN A 64 12.09 5.35 3.02
CA ASN A 64 13.50 5.42 3.35
C ASN A 64 14.21 4.18 2.81
N ASN A 65 13.49 3.32 2.07
CA ASN A 65 14.15 2.16 1.50
C ASN A 65 13.81 2.12 0.02
N THR A 66 14.28 1.08 -0.64
CA THR A 66 14.30 0.98 -2.10
C THR A 66 12.92 0.59 -2.58
N GLU A 67 12.78 0.52 -3.90
CA GLU A 67 11.51 0.23 -4.54
C GLU A 67 11.30 -1.27 -4.63
N SER A 68 12.35 -2.04 -4.29
CA SER A 68 12.28 -3.50 -4.16
C SER A 68 12.29 -3.97 -2.69
N SER A 69 12.39 -3.08 -1.71
CA SER A 69 12.30 -3.47 -0.30
C SER A 69 10.86 -3.90 0.00
N SER A 70 10.64 -4.55 1.15
CA SER A 70 9.34 -5.16 1.44
C SER A 70 8.83 -4.74 2.82
N ASP A 71 7.49 -4.73 2.98
CA ASP A 71 6.88 -4.46 4.28
C ASP A 71 7.00 -2.97 4.63
N GLN A 72 6.89 -2.07 3.64
CA GLN A 72 7.16 -0.66 3.85
C GLN A 72 5.89 0.15 4.09
N ALA A 73 4.74 -0.51 4.15
CA ALA A 73 3.51 0.19 4.55
C ALA A 73 2.67 -0.68 5.48
N TRP A 74 1.92 -0.02 6.35
CA TRP A 74 1.05 -0.67 7.31
C TRP A 74 -0.03 0.30 7.81
N THR A 75 -1.18 -0.26 8.20
CA THR A 75 -2.32 0.50 8.70
C THR A 75 -2.16 0.75 10.20
N ARG A 76 -2.26 2.01 10.63
CA ARG A 76 -2.17 2.32 12.03
C ARG A 76 -3.58 2.35 12.64
N LEU A 77 -4.52 2.94 11.91
CA LEU A 77 -5.90 3.04 12.38
C LEU A 77 -6.86 2.60 11.28
N ALA A 78 -7.92 1.89 11.69
CA ALA A 78 -9.03 1.55 10.82
C ALA A 78 -10.23 1.15 11.66
N PHE A 79 -11.21 2.06 11.75
CA PHE A 79 -12.34 1.83 12.63
C PHE A 79 -13.56 2.59 12.14
N ALA A 80 -14.73 2.00 12.48
CA ALA A 80 -16.04 2.54 12.19
C ALA A 80 -16.81 2.68 13.48
N GLY A 81 -17.71 3.68 13.54
CA GLY A 81 -18.39 3.98 14.79
C GLY A 81 -19.68 4.79 14.64
N LEU A 82 -20.36 4.88 15.80
CA LEU A 82 -21.59 5.62 15.97
C LEU A 82 -21.40 6.56 17.15
N LYS A 83 -21.94 7.77 17.01
CA LYS A 83 -21.93 8.79 18.04
C LYS A 83 -23.39 9.16 18.32
N PHE A 84 -23.85 8.96 19.56
CA PHE A 84 -25.25 9.11 19.93
C PHE A 84 -25.48 10.50 20.55
N GLY A 85 -25.40 11.56 19.73
CA GLY A 85 -25.47 12.92 20.25
C GLY A 85 -24.27 13.24 21.15
N ASP A 86 -24.56 13.69 22.38
CA ASP A 86 -23.52 13.95 23.37
C ASP A 86 -23.41 12.78 24.34
N ALA A 87 -24.38 11.85 24.29
CA ALA A 87 -24.40 10.67 25.14
C ALA A 87 -23.32 9.64 24.76
N GLY A 88 -22.26 10.08 24.06
CA GLY A 88 -21.07 9.27 23.90
C GLY A 88 -21.01 8.56 22.54
N SER A 89 -20.26 7.44 22.46
CA SER A 89 -19.97 6.82 21.18
C SER A 89 -19.42 5.40 21.35
N PHE A 90 -19.53 4.64 20.26
CA PHE A 90 -19.02 3.27 20.21
C PHE A 90 -18.25 3.14 18.92
N ASP A 91 -17.09 2.44 18.94
CA ASP A 91 -16.44 2.09 17.70
C ASP A 91 -15.63 0.78 17.79
N TYR A 92 -15.55 0.13 16.63
CA TYR A 92 -14.87 -1.15 16.52
C TYR A 92 -13.86 -1.02 15.38
N GLY A 93 -12.68 -1.64 15.56
CA GLY A 93 -11.67 -1.75 14.53
C GLY A 93 -10.25 -1.88 15.09
N ARG A 94 -9.24 -1.37 14.36
CA ARG A 94 -7.91 -1.09 14.90
C ARG A 94 -7.88 0.36 15.36
N ASN A 95 -7.62 0.55 16.65
CA ASN A 95 -7.69 1.85 17.28
C ASN A 95 -6.79 1.83 18.52
N TYR A 96 -6.70 3.01 19.15
CA TYR A 96 -5.86 3.25 20.32
C TYR A 96 -6.52 2.61 21.54
N GLY A 97 -5.73 1.81 22.26
CA GLY A 97 -6.14 1.32 23.57
C GLY A 97 -6.32 2.47 24.56
N VAL A 98 -7.21 2.29 25.54
CA VAL A 98 -7.68 3.40 26.36
C VAL A 98 -6.56 3.88 27.29
N VAL A 99 -5.58 3.00 27.58
CA VAL A 99 -4.43 3.42 28.38
C VAL A 99 -3.81 4.68 27.78
N TYR A 100 -3.86 4.81 26.45
CA TYR A 100 -3.22 5.94 25.78
C TYR A 100 -4.06 7.21 25.96
N ASP A 101 -5.29 7.12 26.50
CA ASP A 101 -6.04 8.35 26.78
C ASP A 101 -5.31 9.20 27.81
N VAL A 102 -4.42 8.56 28.60
CA VAL A 102 -3.65 9.22 29.64
C VAL A 102 -2.18 9.39 29.23
N THR A 103 -1.53 8.32 28.73
CA THR A 103 -0.12 8.39 28.34
C THR A 103 0.06 9.27 27.11
N SER A 104 -1.01 9.49 26.33
CA SER A 104 -0.91 10.45 25.23
C SER A 104 -0.45 11.84 25.73
N TRP A 105 -0.56 12.13 27.03
CA TRP A 105 -0.25 13.48 27.49
C TRP A 105 1.25 13.77 27.47
N THR A 106 2.09 12.71 27.59
CA THR A 106 3.54 12.83 27.50
C THR A 106 4.08 12.55 26.09
N ASP A 107 3.24 12.08 25.17
CA ASP A 107 3.66 11.82 23.81
C ASP A 107 3.56 13.08 22.94
N VAL A 108 4.47 14.05 23.17
CA VAL A 108 4.43 15.33 22.49
C VAL A 108 5.83 15.83 22.21
N LEU A 109 6.83 14.92 22.21
CA LEU A 109 8.19 15.33 21.96
C LEU A 109 8.32 15.71 20.48
N PRO A 110 9.34 16.47 20.09
CA PRO A 110 9.52 16.78 18.67
C PRO A 110 9.51 15.55 17.77
N GLU A 111 10.11 14.43 18.24
CA GLU A 111 10.28 13.25 17.40
C GLU A 111 10.19 11.98 18.23
N PHE A 112 10.99 11.86 19.29
CA PHE A 112 11.03 10.63 20.08
C PHE A 112 9.81 10.58 21.02
N GLY A 113 9.84 9.68 22.00
CA GLY A 113 8.72 9.47 22.92
C GLY A 113 7.61 8.62 22.27
N GLY A 114 6.52 8.39 23.01
CA GLY A 114 5.36 7.67 22.50
C GLY A 114 5.65 6.18 22.31
N ASP A 115 4.88 5.54 21.42
CA ASP A 115 5.03 4.11 21.20
C ASP A 115 6.47 3.80 20.75
N GLY A 116 7.01 2.67 21.21
CA GLY A 116 8.39 2.29 20.97
C GLY A 116 9.27 2.52 22.19
N ASP A 117 8.83 3.42 23.09
CA ASP A 117 9.59 3.79 24.27
C ASP A 117 9.07 3.03 25.50
N THR A 118 8.26 3.62 26.39
CA THR A 118 7.84 2.92 27.61
C THR A 118 6.86 1.77 27.31
N TYR A 119 6.18 1.86 26.17
CA TYR A 119 5.23 0.86 25.71
C TYR A 119 5.29 0.80 24.19
N GLY A 120 4.57 -0.13 23.54
CA GLY A 120 4.63 -0.26 22.09
C GLY A 120 3.24 -0.37 21.47
N SER A 121 3.22 -0.40 20.13
CA SER A 121 2.01 -0.73 19.39
C SER A 121 1.81 -2.25 19.44
N ASP A 122 0.54 -2.69 19.44
CA ASP A 122 0.15 -4.08 19.45
C ASP A 122 0.63 -4.71 20.76
N ASN A 123 0.37 -3.95 21.83
CA ASN A 123 0.95 -4.21 23.13
C ASN A 123 -0.15 -4.15 24.18
N PHE A 124 -1.01 -5.17 24.17
CA PHE A 124 -2.25 -5.13 24.93
C PHE A 124 -2.93 -3.81 24.61
N LEU A 125 -3.45 -3.08 25.61
CA LEU A 125 -4.27 -1.92 25.33
C LEU A 125 -3.51 -0.62 25.57
N GLN A 126 -2.18 -0.68 25.41
CA GLN A 126 -1.31 0.44 25.75
C GLN A 126 -1.22 1.46 24.62
N SER A 127 -1.36 0.98 23.39
CA SER A 127 -1.29 1.82 22.20
C SER A 127 -2.26 1.26 21.18
N ARG A 128 -1.98 1.49 19.89
CA ARG A 128 -2.78 0.95 18.82
C ARG A 128 -2.83 -0.57 18.93
N ALA A 129 -4.03 -1.10 18.62
CA ALA A 129 -4.38 -2.51 18.84
C ALA A 129 -5.41 -2.98 17.81
N ASN A 130 -5.33 -4.27 17.47
CA ASN A 130 -6.34 -4.89 16.61
C ASN A 130 -7.56 -5.31 17.42
N GLY A 131 -8.74 -4.94 16.93
CA GLY A 131 -9.97 -5.56 17.40
C GLY A 131 -10.45 -5.00 18.74
N VAL A 132 -10.41 -3.66 18.88
CA VAL A 132 -10.91 -3.04 20.11
C VAL A 132 -12.29 -2.47 19.86
N ALA A 133 -13.19 -2.81 20.77
CA ALA A 133 -14.50 -2.20 20.88
C ALA A 133 -14.43 -1.19 22.02
N THR A 134 -14.83 0.06 21.73
CA THR A 134 -14.57 1.17 22.62
C THR A 134 -15.85 2.00 22.79
N TYR A 135 -16.35 2.01 24.01
CA TYR A 135 -17.45 2.86 24.40
C TYR A 135 -16.86 4.07 25.11
N ARG A 136 -17.29 5.27 24.73
CA ARG A 136 -16.76 6.50 25.29
C ARG A 136 -17.93 7.41 25.65
N ASN A 137 -17.70 8.26 26.66
CA ASN A 137 -18.73 9.12 27.21
C ASN A 137 -18.09 10.43 27.63
N SER A 138 -18.63 11.55 27.13
CA SER A 138 -18.28 12.89 27.56
C SER A 138 -19.24 13.33 28.65
N ASP A 139 -18.71 14.01 29.68
CA ASP A 139 -19.57 14.65 30.67
C ASP A 139 -20.45 13.61 31.37
N PHE A 140 -19.87 12.43 31.64
CA PHE A 140 -20.44 11.39 32.49
C PHE A 140 -21.93 11.58 32.70
N PHE A 141 -22.72 11.45 31.62
CA PHE A 141 -24.17 11.45 31.68
C PHE A 141 -24.68 12.66 32.48
N ASP A 145 -19.86 16.09 34.45
CA ASP A 145 -19.65 17.19 33.46
C ASP A 145 -18.16 17.51 33.31
N GLY A 146 -17.66 17.44 32.06
CA GLY A 146 -16.23 17.54 31.77
C GLY A 146 -15.45 16.26 32.09
N LEU A 147 -16.14 15.23 32.58
CA LEU A 147 -15.51 13.99 33.01
C LEU A 147 -15.65 12.94 31.91
N ASN A 148 -14.53 12.50 31.33
CA ASN A 148 -14.56 11.60 30.19
C ASN A 148 -14.24 10.19 30.65
N PHE A 149 -15.11 9.26 30.26
CA PHE A 149 -15.04 7.87 30.64
C PHE A 149 -14.98 7.02 29.38
N ALA A 150 -14.19 5.93 29.44
CA ALA A 150 -14.14 4.96 28.36
C ALA A 150 -14.07 3.54 28.91
N LEU A 151 -14.80 2.63 28.25
CA LEU A 151 -14.74 1.21 28.52
C LEU A 151 -14.41 0.51 27.20
N GLN A 152 -13.53 -0.50 27.27
CA GLN A 152 -12.94 -1.06 26.07
C GLN A 152 -12.73 -2.55 26.24
N TYR A 153 -13.04 -3.32 25.20
CA TYR A 153 -12.88 -4.77 25.18
C TYR A 153 -12.05 -5.13 23.95
N GLN A 154 -11.23 -6.17 24.09
CA GLN A 154 -10.42 -6.63 22.99
C GLN A 154 -10.50 -8.15 22.96
N GLY A 155 -10.87 -8.69 21.81
CA GLY A 155 -10.84 -10.14 21.62
C GLY A 155 -9.41 -10.67 21.47
N LYS A 156 -9.25 -11.97 21.65
CA LYS A 156 -7.95 -12.63 21.56
C LYS A 156 -7.37 -12.43 20.16
N ASN A 157 -6.10 -11.99 20.12
CA ASN A 157 -5.24 -12.01 18.94
C ASN A 157 -4.05 -12.92 19.24
N GLY A 158 -4.04 -14.13 18.68
CA GLY A 158 -3.15 -15.17 19.18
C GLY A 158 -2.14 -15.61 18.14
N SER A 159 -1.83 -16.91 18.15
CA SER A 159 -0.66 -17.40 17.44
C SER A 159 -0.97 -17.56 15.96
N VAL A 160 0.05 -17.77 15.14
CA VAL A 160 -0.16 -17.96 13.71
C VAL A 160 -0.86 -19.30 13.49
N SER A 161 -0.35 -20.36 14.13
CA SER A 161 -1.01 -21.66 14.12
C SER A 161 -0.91 -22.33 15.50
N GLY A 162 -1.56 -23.49 15.64
CA GLY A 162 -1.54 -24.25 16.87
C GLY A 162 -2.75 -23.94 17.74
N GLU A 163 -2.73 -24.49 18.97
CA GLU A 163 -3.79 -24.35 19.95
C GLU A 163 -4.33 -22.92 19.96
N GLY A 164 -3.42 -21.94 20.08
CA GLY A 164 -3.79 -20.58 20.44
C GLY A 164 -4.10 -19.68 19.24
N ALA A 165 -4.25 -20.28 18.06
CA ALA A 165 -4.37 -19.50 16.84
C ALA A 165 -5.65 -18.67 16.80
N THR A 166 -5.55 -17.56 16.09
CA THR A 166 -6.70 -16.91 15.48
C THR A 166 -6.38 -16.68 14.00
N ASN A 167 -7.28 -15.97 13.30
CA ASN A 167 -7.14 -15.79 11.87
C ASN A 167 -5.93 -14.91 11.65
N ASN A 168 -5.75 -13.95 12.57
CA ASN A 168 -4.82 -12.84 12.42
C ASN A 168 -3.65 -13.04 13.37
N GLY A 169 -3.05 -14.24 13.28
CA GLY A 169 -1.98 -14.65 14.19
C GLY A 169 -0.73 -13.81 13.99
N ARG A 170 0.09 -13.73 15.04
CA ARG A 170 1.31 -12.95 15.03
C ARG A 170 2.27 -13.58 16.04
N GLY A 171 3.45 -12.99 16.21
CA GLY A 171 4.38 -13.39 17.26
C GLY A 171 3.98 -12.95 18.68
N TRP A 172 4.58 -13.63 19.65
CA TRP A 172 4.18 -13.54 21.06
C TRP A 172 4.31 -12.13 21.62
N SER A 173 5.21 -11.32 21.07
CA SER A 173 5.36 -9.96 21.55
C SER A 173 4.13 -9.11 21.23
N LYS A 174 3.29 -9.52 20.27
CA LYS A 174 2.16 -8.69 19.85
C LYS A 174 0.83 -9.43 20.03
N GLN A 175 0.88 -10.60 20.67
CA GLN A 175 -0.32 -11.36 20.98
C GLN A 175 -1.03 -10.69 22.13
N ASN A 176 -2.31 -11.01 22.27
CA ASN A 176 -3.01 -10.79 23.51
C ASN A 176 -4.15 -11.79 23.57
N GLY A 177 -4.63 -12.14 24.77
CA GLY A 177 -5.91 -12.80 24.99
C GLY A 177 -7.04 -11.77 25.17
N ASP A 178 -8.20 -12.26 25.62
CA ASP A 178 -9.35 -11.42 25.90
C ASP A 178 -8.97 -10.47 27.02
N GLY A 179 -9.36 -9.20 26.85
CA GLY A 179 -8.99 -8.19 27.82
C GLY A 179 -9.95 -7.01 27.79
N PHE A 180 -9.83 -6.17 28.82
CA PHE A 180 -10.62 -4.97 28.89
C PHE A 180 -9.78 -3.86 29.50
N GLY A 181 -10.28 -2.63 29.34
CA GLY A 181 -9.69 -1.45 29.93
C GLY A 181 -10.73 -0.35 30.11
N THR A 182 -10.34 0.58 30.98
CA THR A 182 -11.19 1.68 31.31
C THR A 182 -10.27 2.87 31.57
N SER A 183 -10.81 4.07 31.32
CA SER A 183 -10.07 5.30 31.54
C SER A 183 -11.02 6.38 32.05
N LEU A 184 -10.42 7.35 32.74
CA LEU A 184 -11.16 8.44 33.35
C LEU A 184 -10.25 9.66 33.32
N THR A 185 -10.74 10.77 32.78
CA THR A 185 -9.95 11.99 32.77
C THR A 185 -10.84 13.18 33.08
N TYR A 186 -10.27 14.17 33.77
CA TYR A 186 -11.05 15.26 34.30
C TYR A 186 -10.22 16.54 34.19
N ASP A 187 -10.92 17.64 33.90
CA ASP A 187 -10.33 18.97 33.90
C ASP A 187 -10.60 19.65 35.24
N ILE A 188 -9.70 19.48 36.22
CA ILE A 188 -9.91 20.02 37.57
C ILE A 188 -10.00 21.55 37.49
N TRP A 189 -8.93 22.25 37.12
CA TRP A 189 -9.02 23.66 36.75
C TRP A 189 -9.03 23.74 35.21
N ASP A 190 -9.27 24.94 34.68
CA ASP A 190 -8.97 25.18 33.27
C ASP A 190 -7.45 25.11 33.11
N GLY A 191 -7.00 24.31 32.14
CA GLY A 191 -5.58 24.08 31.94
C GLY A 191 -5.06 22.82 32.64
N ILE A 192 -5.61 22.47 33.82
CA ILE A 192 -5.07 21.37 34.59
C ILE A 192 -5.97 20.15 34.47
N SER A 193 -5.38 19.01 34.09
CA SER A 193 -6.15 17.78 33.92
C SER A 193 -5.46 16.67 34.70
N ALA A 194 -6.27 15.70 35.13
CA ALA A 194 -5.79 14.48 35.74
C ALA A 194 -6.48 13.28 35.09
N GLY A 195 -5.84 12.12 35.19
CA GLY A 195 -6.34 10.96 34.48
C GLY A 195 -5.82 9.64 35.05
N PHE A 196 -6.68 8.62 34.99
CA PHE A 196 -6.38 7.30 35.49
C PHE A 196 -6.83 6.30 34.42
N ALA A 197 -6.16 5.14 34.38
CA ALA A 197 -6.46 4.13 33.40
C ALA A 197 -6.04 2.75 33.90
N TYR A 198 -6.90 1.77 33.62
CA TYR A 198 -6.67 0.42 34.07
C TYR A 198 -6.89 -0.48 32.85
N SER A 199 -6.05 -1.52 32.72
CA SER A 199 -6.26 -2.56 31.73
C SER A 199 -5.88 -3.93 32.30
N HIS A 200 -6.69 -4.94 31.94
CA HIS A 200 -6.49 -6.31 32.36
C HIS A 200 -6.67 -7.17 31.11
N SER A 201 -5.71 -8.07 30.85
CA SER A 201 -5.78 -8.89 29.65
C SER A 201 -5.22 -10.27 29.97
N LYS A 202 -5.84 -11.30 29.38
CA LYS A 202 -5.30 -12.66 29.45
C LYS A 202 -4.07 -12.74 28.56
N ARG A 203 -3.02 -13.39 29.05
CA ARG A 203 -1.87 -13.65 28.21
C ARG A 203 -2.15 -14.92 27.41
N THR A 204 -1.24 -15.28 26.52
CA THR A 204 -1.38 -16.43 25.64
C THR A 204 -0.35 -17.49 25.99
N ASP A 205 -0.55 -18.73 25.50
CA ASP A 205 0.31 -19.85 25.85
C ASP A 205 1.70 -19.61 25.28
N GLU A 206 1.77 -19.02 24.08
CA GLU A 206 3.07 -18.71 23.50
C GLU A 206 3.82 -17.69 24.37
N GLN A 207 3.11 -16.71 24.95
CA GLN A 207 3.78 -15.70 25.78
C GLN A 207 4.37 -16.33 27.05
N ASN A 208 3.79 -17.46 27.48
CA ASN A 208 4.21 -18.15 28.69
C ASN A 208 5.08 -19.37 28.39
N SER A 209 5.55 -19.52 27.14
CA SER A 209 6.32 -20.71 26.79
C SER A 209 7.51 -20.40 25.86
N VAL A 210 7.40 -19.44 24.93
CA VAL A 210 8.46 -19.22 23.93
C VAL A 210 9.56 -18.28 24.43
N PRO A 211 9.26 -17.09 24.98
CA PRO A 211 10.30 -16.25 25.54
C PRO A 211 10.80 -16.73 26.89
N ALA A 212 12.05 -16.37 27.21
CA ALA A 212 12.66 -16.69 28.49
C ALA A 212 12.08 -15.84 29.62
N LEU A 213 11.56 -14.64 29.30
CA LEU A 213 11.20 -13.66 30.32
C LEU A 213 9.70 -13.40 30.32
N GLY A 214 9.12 -13.35 31.52
CA GLY A 214 7.72 -13.03 31.72
C GLY A 214 6.84 -14.26 31.83
N ARG A 215 6.30 -14.50 33.02
CA ARG A 215 5.36 -15.58 33.25
C ARG A 215 4.17 -15.01 34.01
N GLY A 216 3.00 -15.60 33.74
CA GLY A 216 1.75 -15.08 34.30
C GLY A 216 0.55 -15.28 33.37
N ASP A 217 -0.61 -15.44 34.02
CA ASP A 217 -1.87 -15.67 33.32
C ASP A 217 -2.50 -14.37 32.84
N ASN A 218 -2.12 -13.21 33.42
CA ASN A 218 -2.81 -11.96 33.11
C ASN A 218 -1.80 -10.82 32.93
N ALA A 219 -2.16 -9.84 32.10
CA ALA A 219 -1.40 -8.61 32.02
C ALA A 219 -2.26 -7.45 32.52
N GLU A 220 -1.62 -6.54 33.28
CA GLU A 220 -2.33 -5.44 33.92
C GLU A 220 -1.52 -4.15 33.84
N THR A 221 -2.24 -3.03 33.74
CA THR A 221 -1.65 -1.71 33.76
C THR A 221 -2.50 -0.78 34.62
N TYR A 222 -1.82 -0.11 35.55
CA TYR A 222 -2.38 1.00 36.30
C TYR A 222 -1.61 2.23 35.88
N THR A 223 -2.35 3.29 35.52
CA THR A 223 -1.76 4.51 35.01
C THR A 223 -2.44 5.71 35.62
N GLY A 224 -1.61 6.64 36.10
CA GLY A 224 -2.08 7.96 36.48
C GLY A 224 -1.20 9.01 35.83
N GLY A 225 -1.80 10.19 35.55
CA GLY A 225 -1.14 11.23 34.78
C GLY A 225 -1.75 12.60 35.02
N LEU A 226 -0.93 13.63 34.81
CA LEU A 226 -1.28 15.02 35.05
C LEU A 226 -0.82 15.85 33.87
N LYS A 227 -1.50 16.98 33.65
CA LYS A 227 -1.24 17.81 32.49
C LYS A 227 -1.58 19.27 32.83
N TYR A 228 -0.65 20.16 32.49
CA TYR A 228 -0.88 21.59 32.56
C TYR A 228 -0.72 22.12 31.14
N ASP A 229 -1.69 22.88 30.64
CA ASP A 229 -1.67 23.29 29.24
C ASP A 229 -2.39 24.63 29.09
N ALA A 230 -1.73 25.70 29.55
CA ALA A 230 -2.25 27.03 29.41
C ALA A 230 -1.11 28.04 29.48
N ASN A 231 -1.36 29.26 28.97
CA ASN A 231 -0.43 30.38 29.08
C ASN A 231 0.89 30.04 28.39
N ASN A 232 0.79 29.39 27.23
CA ASN A 232 1.93 29.04 26.39
C ASN A 232 2.81 27.96 27.04
N ILE A 233 2.32 27.32 28.12
CA ILE A 233 3.12 26.36 28.86
C ILE A 233 2.51 24.97 28.74
N TYR A 234 3.36 23.95 28.59
CA TYR A 234 2.88 22.58 28.58
C TYR A 234 3.78 21.75 29.50
N LEU A 235 3.15 21.23 30.55
CA LEU A 235 3.76 20.30 31.49
C LEU A 235 2.86 19.08 31.50
N ALA A 236 3.47 17.90 31.55
CA ALA A 236 2.70 16.69 31.71
C ALA A 236 3.60 15.57 32.24
N SER A 237 2.97 14.69 33.01
CA SER A 237 3.65 13.51 33.51
C SER A 237 2.72 12.32 33.42
N GLN A 238 3.36 11.14 33.47
CA GLN A 238 2.66 9.89 33.40
C GLN A 238 3.46 8.87 34.20
N TYR A 239 2.78 8.21 35.14
CA TYR A 239 3.32 7.11 35.91
C TYR A 239 2.44 5.88 35.65
N THR A 240 3.08 4.77 35.23
CA THR A 240 2.37 3.55 34.90
C THR A 240 3.07 2.34 35.52
N GLN A 241 2.27 1.49 36.19
CA GLN A 241 2.77 0.23 36.70
C GLN A 241 2.14 -0.89 35.89
N THR A 242 2.96 -1.90 35.59
CA THR A 242 2.52 -2.99 34.74
C THR A 242 2.99 -4.31 35.30
N TYR A 243 2.16 -5.33 35.05
CA TYR A 243 2.44 -6.71 35.37
C TYR A 243 2.35 -7.49 34.05
N ASN A 244 3.43 -8.19 33.71
CA ASN A 244 3.53 -9.03 32.53
C ASN A 244 3.06 -8.32 31.25
N ALA A 245 3.25 -6.99 31.17
CA ALA A 245 2.68 -6.20 30.07
C ALA A 245 3.74 -5.36 29.32
N THR A 246 4.88 -5.05 29.96
CA THR A 246 5.95 -4.25 29.36
C THR A 246 7.03 -5.17 28.79
N ARG A 247 7.53 -4.81 27.60
CA ARG A 247 8.43 -5.65 26.86
C ARG A 247 9.84 -5.43 27.40
N ALA A 248 10.50 -6.56 27.69
CA ALA A 248 11.91 -6.61 28.02
C ALA A 248 12.72 -6.86 26.74
N GLY A 249 12.64 -5.89 25.82
CA GLY A 249 13.22 -5.98 24.48
C GLY A 249 12.81 -7.27 23.78
N SER A 250 13.79 -7.96 23.19
CA SER A 250 13.51 -9.18 22.44
C SER A 250 13.36 -10.40 23.37
N LEU A 251 13.65 -10.27 24.68
CA LEU A 251 13.74 -11.42 25.58
C LEU A 251 12.39 -11.85 26.14
N GLY A 252 11.40 -10.95 26.17
CA GLY A 252 10.08 -11.31 26.65
C GLY A 252 9.32 -10.13 27.24
N PHE A 253 8.61 -10.42 28.33
CA PHE A 253 8.01 -9.40 29.14
C PHE A 253 8.65 -9.37 30.53
N ALA A 254 8.57 -8.19 31.14
CA ALA A 254 8.91 -7.96 32.54
C ALA A 254 7.74 -8.30 33.46
N ASN A 255 8.00 -9.15 34.46
CA ASN A 255 6.97 -9.58 35.40
C ASN A 255 6.32 -8.38 36.07
N LYS A 256 7.12 -7.38 36.48
CA LYS A 256 6.58 -6.07 36.80
C LYS A 256 7.55 -5.00 36.29
N ALA A 257 6.96 -3.83 35.97
CA ALA A 257 7.73 -2.69 35.56
C ALA A 257 7.07 -1.40 36.02
N GLN A 258 7.89 -0.36 36.14
CA GLN A 258 7.45 0.96 36.52
C GLN A 258 7.96 1.93 35.46
N ASN A 259 7.05 2.70 34.87
CA ASN A 259 7.35 3.57 33.76
C ASN A 259 6.96 4.98 34.16
N PHE A 260 7.90 5.91 33.98
CA PHE A 260 7.66 7.30 34.31
C PHE A 260 8.02 8.10 33.07
N GLU A 261 7.20 9.12 32.76
CA GLU A 261 7.43 10.03 31.65
C GLU A 261 7.01 11.44 32.09
N VAL A 262 7.90 12.42 31.90
CA VAL A 262 7.60 13.80 32.24
C VAL A 262 8.20 14.71 31.18
N VAL A 263 7.53 15.86 30.93
CA VAL A 263 7.92 16.75 29.84
C VAL A 263 7.50 18.18 30.13
N ALA A 264 8.41 19.12 29.79
CA ALA A 264 8.13 20.53 29.87
C ALA A 264 8.38 21.17 28.50
N GLN A 265 7.52 22.13 28.13
CA GLN A 265 7.59 22.81 26.84
C GLN A 265 7.01 24.21 26.95
N TYR A 266 7.46 25.09 26.06
CA TYR A 266 7.01 26.47 25.99
C TYR A 266 6.81 26.80 24.52
N GLN A 267 5.77 27.58 24.20
CA GLN A 267 5.40 27.90 22.83
C GLN A 267 5.49 29.41 22.66
N PHE A 268 6.57 29.86 22.01
CA PHE A 268 6.77 31.26 21.70
C PHE A 268 5.80 31.67 20.59
N ASP A 269 5.40 32.94 20.60
CA ASP A 269 4.46 33.51 19.64
C ASP A 269 4.99 33.43 18.21
N PHE A 270 6.30 33.60 18.00
CA PHE A 270 6.84 33.55 16.64
C PHE A 270 7.05 32.10 16.15
N GLY A 271 6.68 31.08 16.93
CA GLY A 271 6.51 29.73 16.41
C GLY A 271 7.53 28.70 16.89
N LEU A 272 8.51 29.08 17.73
CA LEU A 272 9.45 28.12 18.28
C LEU A 272 8.90 27.49 19.56
N ARG A 273 9.18 26.19 19.74
CA ARG A 273 8.60 25.44 20.82
C ARG A 273 9.65 24.51 21.42
N PRO A 274 10.51 25.00 22.34
CA PRO A 274 11.52 24.14 22.98
C PRO A 274 10.88 23.05 23.84
N SER A 275 11.63 21.96 24.07
CA SER A 275 11.10 20.79 24.74
C SER A 275 12.18 20.08 25.53
N VAL A 276 11.87 19.77 26.79
CA VAL A 276 12.73 18.93 27.58
C VAL A 276 11.85 17.85 28.21
N ALA A 277 12.41 16.64 28.34
CA ALA A 277 11.66 15.54 28.89
C ALA A 277 12.58 14.46 29.43
N TYR A 278 12.00 13.60 30.27
CA TYR A 278 12.71 12.51 30.92
C TYR A 278 11.80 11.29 30.82
N LEU A 279 12.39 10.12 30.50
CA LEU A 279 11.67 8.87 30.36
C LEU A 279 12.49 7.73 30.94
N GLN A 280 11.81 6.91 31.76
CA GLN A 280 12.41 5.66 32.21
C GLN A 280 11.38 4.55 32.34
N SER A 281 11.90 3.32 32.24
CA SER A 281 11.20 2.07 32.38
C SER A 281 12.07 1.14 33.21
N LYS A 282 11.62 0.83 34.42
CA LYS A 282 12.37 0.01 35.35
C LYS A 282 11.69 -1.35 35.44
N GLY A 283 12.40 -2.39 35.01
CA GLY A 283 11.86 -3.74 35.06
C GLY A 283 12.29 -4.45 36.33
N LYS A 284 11.40 -5.28 36.88
CA LYS A 284 11.61 -5.95 38.15
C LYS A 284 11.31 -7.44 38.02
N ASP A 285 12.08 -8.25 38.79
CA ASP A 285 11.79 -9.67 38.99
C ASP A 285 11.89 -10.41 37.66
N LEU A 286 12.97 -10.12 36.93
CA LEU A 286 13.24 -10.75 35.64
C LEU A 286 13.94 -12.10 35.84
N GLU A 287 13.62 -13.08 34.97
CA GLU A 287 14.17 -14.43 35.00
C GLU A 287 15.63 -14.42 34.57
N ARG A 288 16.24 -15.62 34.49
CA ARG A 288 17.58 -15.85 33.95
C ARG A 288 18.67 -15.07 34.67
N GLY A 289 18.48 -14.81 35.97
CA GLY A 289 19.41 -14.01 36.75
C GLY A 289 19.33 -12.50 36.55
N TYR A 290 18.43 -11.96 35.73
CA TYR A 290 18.52 -10.53 35.42
C TYR A 290 18.03 -9.67 36.58
N GLY A 291 16.96 -10.06 37.28
CA GLY A 291 16.54 -9.31 38.45
C GLY A 291 15.93 -7.94 38.09
N ASP A 292 16.40 -6.89 38.78
CA ASP A 292 16.03 -5.52 38.41
C ASP A 292 16.91 -5.07 37.24
N GLN A 293 16.31 -4.33 36.29
CA GLN A 293 17.05 -3.82 35.14
C GLN A 293 16.35 -2.59 34.59
N ASP A 294 17.16 -1.67 34.10
CA ASP A 294 16.66 -0.55 33.31
C ASP A 294 16.28 -1.10 31.94
N ILE A 295 15.06 -0.79 31.50
CA ILE A 295 14.66 -1.10 30.14
C ILE A 295 14.85 0.14 29.27
N LEU A 296 14.56 1.31 29.84
CA LEU A 296 14.62 2.54 29.07
C LEU A 296 14.97 3.69 30.02
N LYS A 297 15.97 4.52 29.66
CA LYS A 297 16.32 5.66 30.49
C LYS A 297 17.00 6.74 29.65
N TYR A 298 16.36 7.91 29.51
CA TYR A 298 16.98 8.95 28.73
C TYR A 298 16.34 10.31 28.96
N VAL A 299 17.17 11.35 28.78
CA VAL A 299 16.72 12.72 28.78
C VAL A 299 16.61 13.16 27.32
N ASP A 300 15.63 14.02 27.07
CA ASP A 300 15.33 14.46 25.74
C ASP A 300 15.24 15.97 25.69
N VAL A 301 16.01 16.54 24.75
CA VAL A 301 15.99 17.96 24.48
C VAL A 301 15.86 18.14 22.98
N GLY A 302 15.04 19.14 22.59
CA GLY A 302 14.94 19.54 21.21
C GLY A 302 13.93 20.69 21.05
N ALA A 303 13.56 20.95 19.79
CA ALA A 303 12.71 22.08 19.48
C ALA A 303 12.12 21.88 18.10
N THR A 304 10.96 22.54 17.92
CA THR A 304 10.23 22.55 16.68
C THR A 304 9.95 24.00 16.29
N TYR A 305 10.28 24.37 15.06
CA TYR A 305 9.86 25.65 14.53
C TYR A 305 8.68 25.41 13.60
N TYR A 306 7.54 26.07 13.89
CA TYR A 306 6.34 26.01 13.09
C TYR A 306 6.26 27.24 12.18
N PHE A 307 6.54 27.06 10.89
CA PHE A 307 6.34 28.11 9.89
C PHE A 307 4.88 28.56 9.91
N ASN A 308 3.97 27.58 9.90
CA ASN A 308 2.53 27.81 9.96
C ASN A 308 1.89 26.48 10.35
N LYS A 309 0.56 26.36 10.24
CA LYS A 309 -0.14 25.15 10.63
C LYS A 309 0.20 23.95 9.71
N ASN A 310 0.91 24.18 8.58
CA ASN A 310 1.13 23.12 7.59
C ASN A 310 2.62 22.76 7.40
N MET A 311 3.54 23.50 8.03
CA MET A 311 4.94 23.28 7.73
C MET A 311 5.74 23.49 9.00
N SER A 312 6.70 22.58 9.26
CA SER A 312 7.50 22.67 10.47
C SER A 312 8.84 21.99 10.27
N THR A 313 9.85 22.46 11.04
CA THR A 313 11.17 21.84 11.14
C THR A 313 11.45 21.55 12.60
N TYR A 314 12.34 20.57 12.88
CA TYR A 314 12.60 20.19 14.25
C TYR A 314 13.94 19.48 14.42
N VAL A 315 14.45 19.59 15.65
CA VAL A 315 15.59 18.82 16.08
C VAL A 315 15.17 18.21 17.41
N ASP A 316 15.72 17.02 17.70
CA ASP A 316 15.44 16.28 18.91
C ASP A 316 16.71 15.48 19.24
N TYR A 317 17.08 15.49 20.53
CA TYR A 317 18.34 14.90 20.98
C TYR A 317 18.00 13.98 22.13
N LYS A 318 18.23 12.69 21.90
CA LYS A 318 17.98 11.68 22.90
C LYS A 318 19.31 11.41 23.57
N ILE A 319 19.39 11.78 24.86
CA ILE A 319 20.58 11.59 25.67
C ILE A 319 20.37 10.33 26.47
N ASN A 320 20.94 9.23 25.97
CA ASN A 320 20.72 7.90 26.50
C ASN A 320 21.51 7.77 27.80
N LEU A 321 20.86 7.29 28.86
CA LEU A 321 21.54 7.12 30.14
C LEU A 321 21.67 5.64 30.50
N LEU A 322 21.26 4.70 29.63
CA LEU A 322 21.36 3.29 29.98
C LEU A 322 22.83 2.89 30.03
N ASP A 323 23.18 2.02 30.98
CA ASP A 323 24.50 1.42 30.99
C ASP A 323 24.48 0.19 30.10
N ASP A 324 25.44 0.12 29.18
CA ASP A 324 25.70 -1.06 28.37
C ASP A 324 26.03 -2.23 29.29
N ASN A 325 25.15 -3.23 29.39
CA ASN A 325 25.39 -4.42 30.20
C ASN A 325 24.89 -5.67 29.47
N SER A 326 24.86 -6.82 30.15
CA SER A 326 24.47 -8.09 29.54
C SER A 326 23.00 -8.11 29.16
N PHE A 327 22.15 -7.51 30.00
CA PHE A 327 20.74 -7.42 29.69
C PHE A 327 20.47 -6.59 28.43
N THR A 328 21.16 -5.45 28.26
CA THR A 328 20.81 -4.54 27.18
C THR A 328 21.27 -5.13 25.85
N ARG A 329 22.36 -5.92 25.89
CA ARG A 329 22.95 -6.53 24.70
C ARG A 329 22.09 -7.70 24.26
N ASN A 330 21.75 -8.59 25.20
CA ASN A 330 20.98 -9.79 24.91
C ASN A 330 19.56 -9.43 24.46
N ALA A 331 18.95 -8.42 25.10
CA ALA A 331 17.62 -7.97 24.74
C ALA A 331 17.62 -7.02 23.54
N GLY A 332 18.80 -6.59 23.06
CA GLY A 332 18.91 -5.70 21.92
C GLY A 332 18.32 -4.30 22.19
N ILE A 333 18.51 -3.77 23.40
CA ILE A 333 18.13 -2.42 23.74
C ILE A 333 19.31 -1.51 23.43
N SER A 334 19.01 -0.43 22.69
CA SER A 334 20.01 0.58 22.35
C SER A 334 20.37 1.41 23.58
N THR A 335 21.66 1.72 23.70
CA THR A 335 22.23 2.52 24.77
C THR A 335 22.96 3.75 24.23
N ASP A 336 22.94 3.97 22.90
CA ASP A 336 23.56 5.12 22.27
C ASP A 336 22.59 6.30 22.12
N ASP A 337 23.14 7.48 21.84
CA ASP A 337 22.37 8.71 21.70
C ASP A 337 21.85 8.81 20.26
N VAL A 338 20.91 9.73 20.06
CA VAL A 338 20.27 9.91 18.77
C VAL A 338 19.94 11.38 18.57
N VAL A 339 20.34 11.90 17.42
CA VAL A 339 19.86 13.19 16.99
C VAL A 339 19.00 13.02 15.75
N ALA A 340 17.92 13.81 15.69
CA ALA A 340 17.03 13.80 14.57
C ALA A 340 16.88 15.22 14.06
N LEU A 341 16.93 15.32 12.74
CA LEU A 341 16.59 16.53 12.00
C LEU A 341 15.51 16.14 11.02
N GLY A 342 14.51 17.01 10.93
CA GLY A 342 13.43 16.80 10.00
C GLY A 342 12.80 18.09 9.50
N LEU A 343 12.18 17.96 8.33
CA LEU A 343 11.31 18.97 7.76
C LEU A 343 9.98 18.30 7.39
N VAL A 344 8.85 18.93 7.75
CA VAL A 344 7.56 18.25 7.66
C VAL A 344 6.54 19.15 6.97
N TYR A 345 5.90 18.59 5.92
CA TYR A 345 4.69 19.13 5.33
C TYR A 345 3.50 18.31 5.84
N GLN A 346 2.43 19.01 6.26
CA GLN A 346 1.20 18.43 6.82
C GLN A 346 -0.02 19.05 6.12
N PHE A 347 -1.05 18.21 5.86
CA PHE A 347 -2.29 18.67 5.21
C PHE A 347 -3.52 18.28 6.04
N GLY B 1 -2.46 16.53 -12.65
CA GLY B 1 -3.67 17.36 -12.55
C GLY B 1 -4.52 16.94 -11.35
N ALA B 2 -5.57 17.73 -11.10
CA ALA B 2 -6.65 17.45 -10.16
C ALA B 2 -6.37 18.09 -8.79
N GLU B 3 -6.71 19.38 -8.71
CA GLU B 3 -6.69 20.16 -7.50
C GLU B 3 -7.96 19.92 -6.68
N ILE B 4 -7.85 19.09 -5.64
CA ILE B 4 -8.98 18.69 -4.80
C ILE B 4 -9.13 19.62 -3.61
N TYR B 5 -8.16 20.50 -3.36
CA TYR B 5 -8.20 21.41 -2.22
C TYR B 5 -7.39 22.65 -2.56
N ASN B 6 -8.03 23.82 -2.37
CA ASN B 6 -7.38 25.11 -2.53
C ASN B 6 -8.11 26.13 -1.67
N LYS B 7 -7.55 26.41 -0.49
CA LYS B 7 -8.24 27.17 0.54
C LYS B 7 -7.19 27.74 1.50
N ASP B 8 -7.30 29.06 1.73
CA ASP B 8 -6.51 29.75 2.74
C ASP B 8 -5.01 29.53 2.51
N GLY B 9 -4.59 29.70 1.25
CA GLY B 9 -3.19 29.59 0.87
C GLY B 9 -2.62 28.17 1.02
N ASN B 10 -3.47 27.14 0.98
CA ASN B 10 -2.98 25.77 1.00
C ASN B 10 -3.61 24.98 -0.13
N LYS B 11 -2.77 24.34 -0.93
CA LYS B 11 -3.21 23.66 -2.13
C LYS B 11 -2.83 22.19 -2.03
N LEU B 12 -3.74 21.35 -2.53
CA LEU B 12 -3.52 19.92 -2.65
C LEU B 12 -3.89 19.48 -4.06
N ASP B 13 -3.01 18.64 -4.63
CA ASP B 13 -3.06 18.19 -6.01
C ASP B 13 -2.94 16.67 -6.01
N LEU B 14 -4.00 15.99 -6.48
CA LEU B 14 -4.08 14.56 -6.54
C LEU B 14 -3.82 14.19 -7.99
N TYR B 15 -2.81 13.35 -8.25
CA TYR B 15 -2.45 12.99 -9.61
C TYR B 15 -2.17 11.48 -9.66
N GLY B 16 -2.13 10.96 -10.88
CA GLY B 16 -1.82 9.56 -11.07
C GLY B 16 -2.27 9.03 -12.43
N LYS B 17 -2.10 7.72 -12.62
CA LYS B 17 -2.59 7.10 -13.83
C LYS B 17 -2.86 5.63 -13.57
N ILE B 18 -3.67 5.07 -14.46
CA ILE B 18 -3.94 3.66 -14.51
C ILE B 18 -3.50 3.22 -15.90
N ASP B 19 -2.52 2.32 -15.96
CA ASP B 19 -1.85 1.98 -17.20
C ASP B 19 -2.07 0.50 -17.47
N GLY B 20 -3.10 0.23 -18.27
CA GLY B 20 -3.38 -1.10 -18.77
C GLY B 20 -2.40 -1.44 -19.89
N LEU B 21 -1.55 -2.43 -19.62
CA LEU B 21 -0.34 -2.61 -20.39
C LEU B 21 -0.04 -4.10 -20.50
N HIS B 22 0.32 -4.51 -21.73
CA HIS B 22 0.70 -5.88 -22.02
C HIS B 22 2.02 -5.83 -22.78
N TYR B 23 2.92 -6.79 -22.48
CA TYR B 23 4.17 -6.97 -23.17
C TYR B 23 4.13 -8.28 -23.95
N PHE B 24 4.67 -8.27 -25.18
CA PHE B 24 4.83 -9.48 -25.96
C PHE B 24 6.33 -9.69 -26.20
N SER B 25 6.82 -10.88 -25.85
CA SER B 25 8.24 -11.14 -25.91
C SER B 25 8.53 -12.62 -25.70
N ASP B 26 9.61 -13.09 -26.33
CA ASP B 26 10.14 -14.43 -26.06
C ASP B 26 10.75 -14.53 -24.68
N ASP B 27 11.20 -13.40 -24.09
CA ASP B 27 11.75 -13.40 -22.75
C ASP B 27 10.59 -13.53 -21.76
N LYS B 28 10.54 -14.68 -21.08
CA LYS B 28 9.39 -15.05 -20.26
C LYS B 28 9.36 -14.26 -18.95
N SER B 29 10.46 -13.59 -18.55
CA SER B 29 10.43 -12.79 -17.34
C SER B 29 9.88 -11.38 -17.61
N VAL B 30 9.65 -11.04 -18.88
CA VAL B 30 9.20 -9.73 -19.34
C VAL B 30 7.79 -9.85 -19.95
N ASP B 31 7.53 -10.99 -20.61
CA ASP B 31 6.31 -11.23 -21.38
C ASP B 31 5.08 -11.28 -20.49
N GLY B 32 3.95 -10.79 -20.99
CA GLY B 32 2.69 -10.95 -20.29
C GLY B 32 2.10 -9.61 -19.80
N ASP B 33 1.17 -9.71 -18.86
CA ASP B 33 0.48 -8.54 -18.32
C ASP B 33 1.42 -7.67 -17.48
N GLN B 34 1.32 -6.34 -17.67
CA GLN B 34 2.10 -5.38 -16.90
C GLN B 34 1.21 -4.23 -16.40
N THR B 35 -0.09 -4.46 -16.27
CA THR B 35 -0.94 -3.42 -15.74
C THR B 35 -0.43 -2.92 -14.39
N TYR B 36 -0.39 -1.60 -14.21
CA TYR B 36 -0.04 -0.99 -12.94
C TYR B 36 -0.79 0.34 -12.81
N MET B 37 -0.71 0.96 -11.63
CA MET B 37 -1.21 2.31 -11.47
C MET B 37 -0.29 3.14 -10.58
N ARG B 38 -0.45 4.46 -10.68
CA ARG B 38 0.33 5.42 -9.92
C ARG B 38 -0.66 6.41 -9.31
N VAL B 39 -0.35 6.79 -8.07
CA VAL B 39 -1.15 7.76 -7.36
C VAL B 39 -0.17 8.59 -6.57
N GLY B 40 -0.50 9.89 -6.48
CA GLY B 40 0.34 10.84 -5.82
C GLY B 40 -0.40 12.10 -5.42
N VAL B 41 0.29 12.82 -4.53
CA VAL B 41 -0.18 14.07 -3.96
C VAL B 41 0.98 15.05 -4.06
N LYS B 42 0.66 16.26 -4.53
CA LYS B 42 1.54 17.41 -4.53
C LYS B 42 0.86 18.49 -3.69
N GLY B 43 1.54 18.94 -2.65
CA GLY B 43 0.99 19.85 -1.65
C GLY B 43 1.87 21.09 -1.55
N GLU B 44 1.20 22.24 -1.28
CA GLU B 44 1.83 23.54 -1.27
C GLU B 44 1.16 24.43 -0.21
N THR B 45 1.98 25.16 0.56
CA THR B 45 1.46 26.01 1.60
C THR B 45 2.24 27.31 1.61
N GLN B 46 1.49 28.42 1.50
CA GLN B 46 2.08 29.75 1.52
C GLN B 46 2.34 30.10 2.98
N ILE B 47 3.59 30.45 3.29
CA ILE B 47 3.98 30.73 4.66
C ILE B 47 4.05 32.25 4.82
N ASN B 48 4.71 32.91 3.88
CA ASN B 48 4.72 34.37 3.77
C ASN B 48 5.01 34.72 2.31
N ASP B 49 5.13 36.02 2.04
CA ASP B 49 5.41 36.55 0.72
C ASP B 49 6.61 35.89 0.05
N GLN B 50 7.65 35.55 0.80
CA GLN B 50 8.90 35.14 0.19
C GLN B 50 9.16 33.63 0.36
N LEU B 51 8.26 32.93 1.05
CA LEU B 51 8.55 31.59 1.51
C LEU B 51 7.33 30.71 1.31
N THR B 52 7.54 29.58 0.62
CA THR B 52 6.52 28.57 0.40
C THR B 52 7.09 27.22 0.84
N GLY B 53 6.22 26.45 1.51
CA GLY B 53 6.51 25.10 1.89
C GLY B 53 5.72 24.15 1.00
N TYR B 54 6.24 22.92 0.83
CA TYR B 54 5.66 21.97 -0.11
C TYR B 54 6.11 20.54 0.20
N GLY B 55 5.30 19.60 -0.30
CA GLY B 55 5.62 18.18 -0.17
C GLY B 55 5.03 17.39 -1.32
N GLN B 56 5.63 16.24 -1.58
CA GLN B 56 5.19 15.41 -2.69
C GLN B 56 5.46 13.94 -2.36
N TRP B 57 4.40 13.14 -2.65
CA TRP B 57 4.41 11.69 -2.55
C TRP B 57 3.86 11.08 -3.84
N GLU B 58 4.47 9.95 -4.23
CA GLU B 58 4.11 9.23 -5.43
C GLU B 58 4.39 7.76 -5.22
N TYR B 59 3.33 6.97 -5.44
CA TYR B 59 3.28 5.58 -5.09
C TYR B 59 3.02 4.76 -6.35
N ASN B 60 3.77 3.66 -6.49
CA ASN B 60 3.57 2.74 -7.59
C ASN B 60 2.80 1.53 -7.04
N VAL B 61 1.75 1.12 -7.75
CA VAL B 61 0.92 -0.02 -7.37
C VAL B 61 0.76 -0.92 -8.58
N GLN B 62 1.43 -2.07 -8.55
CA GLN B 62 1.25 -3.09 -9.56
C GLN B 62 -0.14 -3.73 -9.43
N ALA B 63 -0.72 -4.08 -10.58
CA ALA B 63 -2.01 -4.74 -10.65
C ALA B 63 -1.90 -5.96 -11.55
N ASN B 64 -0.69 -6.46 -11.77
CA ASN B 64 -0.48 -7.52 -12.74
C ASN B 64 -0.26 -8.85 -12.04
N ASN B 65 -0.38 -8.88 -10.71
CA ASN B 65 -0.29 -10.17 -10.02
C ASN B 65 -1.50 -10.34 -9.11
N THR B 66 -1.48 -11.40 -8.30
CA THR B 66 -2.68 -11.88 -7.60
C THR B 66 -2.89 -11.07 -6.34
N GLU B 67 -3.99 -11.35 -5.66
CA GLU B 67 -4.31 -10.68 -4.41
C GLU B 67 -3.50 -11.28 -3.25
N SER B 68 -2.90 -12.47 -3.46
CA SER B 68 -2.00 -13.08 -2.47
C SER B 68 -0.51 -12.87 -2.75
N SER B 69 -0.15 -12.19 -3.83
CA SER B 69 1.24 -11.89 -4.17
C SER B 69 1.87 -10.90 -3.17
N SER B 70 3.19 -10.72 -3.25
CA SER B 70 3.99 -9.97 -2.30
C SER B 70 4.67 -8.79 -2.98
N ASP B 71 4.86 -7.68 -2.26
CA ASP B 71 5.76 -6.61 -2.67
C ASP B 71 5.20 -5.88 -3.90
N GLN B 72 3.88 -5.73 -3.97
CA GLN B 72 3.30 -5.21 -5.20
C GLN B 72 3.21 -3.68 -5.19
N ALA B 73 3.60 -3.01 -4.10
CA ALA B 73 3.56 -1.55 -4.09
C ALA B 73 4.82 -0.99 -3.43
N TRP B 74 5.19 0.23 -3.82
CA TRP B 74 6.38 0.93 -3.33
C TRP B 74 6.28 2.44 -3.61
N THR B 75 6.99 3.21 -2.76
CA THR B 75 7.09 4.66 -2.90
C THR B 75 8.21 5.02 -3.87
N ARG B 76 7.86 5.81 -4.89
CA ARG B 76 8.81 6.41 -5.81
C ARG B 76 9.35 7.72 -5.25
N LEU B 77 8.45 8.58 -4.76
CA LEU B 77 8.81 9.91 -4.31
C LEU B 77 8.12 10.21 -2.98
N ALA B 78 8.89 10.85 -2.07
CA ALA B 78 8.41 11.35 -0.79
C ALA B 78 9.41 12.37 -0.24
N PHE B 79 9.06 13.67 -0.31
CA PHE B 79 9.95 14.71 0.11
C PHE B 79 9.14 15.95 0.49
N ALA B 80 9.77 16.74 1.35
CA ALA B 80 9.24 18.00 1.87
C ALA B 80 10.31 19.05 1.64
N GLY B 81 9.87 20.31 1.51
CA GLY B 81 10.80 21.36 1.20
C GLY B 81 10.23 22.77 1.34
N LEU B 82 11.14 23.72 1.06
CA LEU B 82 10.92 25.14 1.19
C LEU B 82 11.39 25.77 -0.10
N LYS B 83 10.61 26.77 -0.57
CA LYS B 83 10.90 27.54 -1.75
C LYS B 83 11.01 29.01 -1.31
N PHE B 84 12.19 29.61 -1.55
CA PHE B 84 12.58 30.90 -0.99
C PHE B 84 12.45 31.99 -2.07
N GLY B 85 11.34 32.05 -2.80
CA GLY B 85 11.22 32.94 -3.93
C GLY B 85 12.18 32.56 -5.06
N ASP B 86 13.13 33.46 -5.38
CA ASP B 86 14.12 33.23 -6.44
C ASP B 86 15.53 33.10 -5.84
N ALA B 87 15.62 32.89 -4.52
CA ALA B 87 16.88 32.51 -3.88
C ALA B 87 17.10 30.99 -4.00
N GLY B 88 16.00 30.25 -4.32
CA GLY B 88 16.09 28.84 -4.68
C GLY B 88 15.07 27.98 -3.95
N SER B 89 15.43 26.71 -3.73
CA SER B 89 14.59 25.79 -3.00
C SER B 89 15.44 24.69 -2.38
N PHE B 90 14.93 24.17 -1.27
CA PHE B 90 15.56 23.07 -0.58
C PHE B 90 14.48 22.04 -0.30
N ASP B 91 14.80 20.76 -0.56
CA ASP B 91 13.96 19.68 -0.09
C ASP B 91 14.84 18.48 0.27
N TYR B 92 14.29 17.62 1.12
CA TYR B 92 14.92 16.40 1.58
C TYR B 92 13.86 15.29 1.52
N GLY B 93 14.29 14.09 1.12
CA GLY B 93 13.46 12.90 1.08
C GLY B 93 13.97 11.84 0.12
N ARG B 94 13.04 10.99 -0.36
CA ARG B 94 13.27 10.19 -1.55
C ARG B 94 12.94 11.03 -2.78
N ASN B 95 13.98 11.44 -3.52
CA ASN B 95 13.77 12.29 -4.68
C ASN B 95 14.74 11.83 -5.77
N TYR B 96 14.59 12.45 -6.94
CA TYR B 96 15.44 12.22 -8.11
C TYR B 96 16.81 12.80 -7.85
N GLY B 97 17.84 12.04 -8.17
CA GLY B 97 19.19 12.57 -8.17
C GLY B 97 19.37 13.48 -9.36
N VAL B 98 20.30 14.44 -9.23
CA VAL B 98 20.35 15.60 -10.12
C VAL B 98 20.76 15.20 -11.53
N VAL B 99 21.55 14.11 -11.65
CA VAL B 99 21.97 13.58 -12.93
C VAL B 99 20.77 13.46 -13.87
N TYR B 100 19.63 13.00 -13.35
CA TYR B 100 18.44 12.87 -14.15
C TYR B 100 17.89 14.25 -14.58
N ASP B 101 18.42 15.36 -14.05
CA ASP B 101 18.01 16.67 -14.54
C ASP B 101 18.40 16.80 -16.01
N VAL B 102 19.34 15.95 -16.46
CA VAL B 102 19.80 15.99 -17.84
C VAL B 102 19.32 14.75 -18.60
N THR B 103 19.50 13.57 -18.01
CA THR B 103 19.15 12.33 -18.68
C THR B 103 17.64 12.21 -18.86
N SER B 104 16.86 12.99 -18.09
CA SER B 104 15.41 12.97 -18.25
C SER B 104 14.97 13.42 -19.64
N TRP B 105 15.87 14.07 -20.38
CA TRP B 105 15.54 14.61 -21.69
C TRP B 105 15.30 13.49 -22.71
N THR B 106 15.96 12.32 -22.52
CA THR B 106 15.81 11.19 -23.42
C THR B 106 14.83 10.15 -22.89
N ASP B 107 14.29 10.40 -21.69
CA ASP B 107 13.34 9.50 -21.08
C ASP B 107 11.92 9.97 -21.43
N VAL B 108 11.53 9.72 -22.68
CA VAL B 108 10.29 10.22 -23.24
C VAL B 108 9.75 9.21 -24.25
N LEU B 109 10.27 7.98 -24.25
CA LEU B 109 9.80 6.95 -25.17
C LEU B 109 8.36 6.65 -24.81
N PRO B 110 7.56 6.02 -25.71
CA PRO B 110 6.18 5.66 -25.38
C PRO B 110 6.05 4.79 -24.14
N GLU B 111 7.04 3.90 -23.91
CA GLU B 111 6.99 2.94 -22.80
C GLU B 111 8.39 2.62 -22.27
N PHE B 112 9.33 2.25 -23.14
CA PHE B 112 10.66 1.90 -22.66
C PHE B 112 11.48 3.18 -22.40
N GLY B 113 12.80 3.02 -22.26
CA GLY B 113 13.73 4.09 -21.93
C GLY B 113 13.76 4.36 -20.42
N GLY B 114 14.47 5.42 -19.99
CA GLY B 114 14.50 5.83 -18.59
C GLY B 114 15.16 4.78 -17.68
N ASP B 115 14.75 4.76 -16.42
CA ASP B 115 15.40 3.89 -15.43
C ASP B 115 15.06 2.43 -15.72
N GLY B 116 16.04 1.55 -15.53
CA GLY B 116 15.94 0.16 -15.93
C GLY B 116 16.79 -0.12 -17.16
N ASP B 117 17.24 0.96 -17.83
CA ASP B 117 18.00 0.84 -19.07
C ASP B 117 19.46 1.20 -18.81
N THR B 118 19.91 2.41 -19.19
CA THR B 118 21.31 2.81 -19.05
C THR B 118 21.69 3.09 -17.59
N TYR B 119 20.66 3.28 -16.75
CA TYR B 119 20.78 3.48 -15.31
C TYR B 119 19.54 2.91 -14.62
N GLY B 120 19.49 2.92 -13.30
CA GLY B 120 18.35 2.40 -12.58
C GLY B 120 17.98 3.28 -11.40
N SER B 121 16.95 2.84 -10.67
CA SER B 121 16.59 3.46 -9.40
C SER B 121 17.50 2.87 -8.32
N ASP B 122 17.78 3.72 -7.31
CA ASP B 122 18.55 3.39 -6.13
C ASP B 122 19.96 3.07 -6.60
N ASN B 123 20.44 3.96 -7.50
CA ASN B 123 21.66 3.75 -8.25
C ASN B 123 22.50 5.01 -8.14
N PHE B 124 23.00 5.28 -6.92
CA PHE B 124 23.65 6.54 -6.61
C PHE B 124 22.70 7.65 -7.05
N LEU B 125 23.17 8.72 -7.70
CA LEU B 125 22.30 9.87 -7.91
C LEU B 125 21.80 9.92 -9.35
N GLN B 126 21.68 8.74 -9.98
CA GLN B 126 21.30 8.66 -11.38
C GLN B 126 19.79 8.75 -11.55
N SER B 127 19.02 8.19 -10.62
CA SER B 127 17.56 8.24 -10.67
C SER B 127 17.03 8.48 -9.25
N ARG B 128 15.87 7.93 -8.91
CA ARG B 128 15.28 8.11 -7.60
C ARG B 128 16.17 7.46 -6.54
N ALA B 129 16.26 8.16 -5.39
CA ALA B 129 17.24 7.85 -4.37
C ALA B 129 16.68 8.12 -2.98
N ASN B 130 17.10 7.29 -2.00
CA ASN B 130 16.80 7.55 -0.61
C ASN B 130 17.75 8.60 -0.03
N GLY B 131 17.17 9.61 0.63
CA GLY B 131 17.92 10.46 1.55
C GLY B 131 18.74 11.55 0.85
N VAL B 132 18.13 12.22 -0.13
CA VAL B 132 18.82 13.26 -0.87
C VAL B 132 18.36 14.63 -0.39
N ALA B 133 19.34 15.48 -0.05
CA ALA B 133 19.11 16.89 0.18
C ALA B 133 19.49 17.61 -1.11
N THR B 134 18.58 18.48 -1.60
CA THR B 134 18.71 19.05 -2.92
C THR B 134 18.37 20.53 -2.87
N TYR B 135 19.36 21.34 -3.25
CA TYR B 135 19.27 22.77 -3.40
C TYR B 135 19.15 23.08 -4.88
N ARG B 136 18.20 23.94 -5.23
CA ARG B 136 17.94 24.26 -6.63
C ARG B 136 17.84 25.77 -6.75
N ASN B 137 18.40 26.29 -7.86
CA ASN B 137 18.48 27.72 -8.07
C ASN B 137 17.95 27.97 -9.48
N SER B 138 16.98 28.90 -9.60
CA SER B 138 16.36 29.18 -10.87
C SER B 138 16.84 30.53 -11.38
N ASP B 139 17.20 30.57 -12.68
CA ASP B 139 17.53 31.80 -13.37
C ASP B 139 18.73 32.47 -12.69
N PHE B 140 19.65 31.65 -12.16
CA PHE B 140 20.83 32.14 -11.46
C PHE B 140 20.50 33.42 -10.68
N PHE B 141 19.74 33.27 -9.59
CA PHE B 141 19.40 34.38 -8.70
C PHE B 141 18.65 35.47 -9.47
N GLY B 142 17.67 35.08 -10.30
CA GLY B 142 16.78 36.00 -11.04
C GLY B 142 17.48 36.86 -12.09
N LEU B 143 18.74 36.55 -12.41
CA LEU B 143 19.64 37.39 -13.20
C LEU B 143 19.72 36.87 -14.65
N VAL B 144 20.16 35.61 -14.85
CA VAL B 144 20.38 34.99 -16.16
C VAL B 144 19.23 34.04 -16.51
N ASP B 145 18.24 34.55 -17.24
CA ASP B 145 17.04 33.80 -17.61
C ASP B 145 17.42 32.46 -18.27
N GLY B 146 16.77 31.36 -17.85
CA GLY B 146 16.95 30.04 -18.45
C GLY B 146 18.14 29.24 -17.91
N LEU B 147 18.84 29.75 -16.89
CA LEU B 147 20.00 29.07 -16.33
C LEU B 147 19.65 28.49 -14.97
N ASN B 148 19.67 27.16 -14.88
CA ASN B 148 19.30 26.47 -13.65
C ASN B 148 20.47 25.63 -13.17
N PHE B 149 20.73 25.65 -11.85
CA PHE B 149 21.69 24.71 -11.30
C PHE B 149 21.13 24.11 -10.02
N ALA B 150 21.76 23.01 -9.63
CA ALA B 150 21.35 22.24 -8.48
C ALA B 150 22.57 21.64 -7.80
N LEU B 151 22.51 21.60 -6.46
CA LEU B 151 23.52 20.98 -5.64
C LEU B 151 22.83 19.97 -4.74
N GLN B 152 23.47 18.82 -4.53
CA GLN B 152 22.81 17.67 -3.93
C GLN B 152 23.79 16.85 -3.07
N TYR B 153 23.29 16.40 -1.91
CA TYR B 153 24.05 15.55 -1.01
C TYR B 153 23.18 14.35 -0.64
N GLN B 154 23.80 13.17 -0.57
CA GLN B 154 23.08 11.99 -0.15
C GLN B 154 23.87 11.36 0.98
N GLY B 155 23.19 11.02 2.07
CA GLY B 155 23.85 10.29 3.14
C GLY B 155 23.99 8.82 2.78
N LYS B 156 24.89 8.12 3.47
CA LYS B 156 25.08 6.69 3.32
C LYS B 156 23.77 5.90 3.48
N ASN B 157 23.53 4.99 2.51
CA ASN B 157 22.52 3.94 2.58
C ASN B 157 23.25 2.60 2.44
N GLY B 158 23.41 1.87 3.55
CA GLY B 158 24.40 0.80 3.65
C GLY B 158 23.76 -0.58 3.76
N SER B 159 24.49 -1.51 4.37
CA SER B 159 24.07 -2.91 4.39
C SER B 159 22.93 -3.10 5.38
N VAL B 160 22.26 -4.26 5.32
CA VAL B 160 21.24 -4.64 6.29
C VAL B 160 21.88 -4.81 7.67
N SER B 161 23.00 -5.55 7.75
CA SER B 161 23.68 -5.76 9.02
C SER B 161 25.20 -5.69 8.85
N GLY B 162 25.91 -5.87 9.97
CA GLY B 162 27.36 -5.82 10.02
C GLY B 162 27.89 -4.39 10.12
N GLU B 163 29.18 -4.22 9.81
CA GLU B 163 29.91 -2.97 10.00
C GLU B 163 29.36 -1.85 9.13
N GLY B 164 28.84 -2.17 7.93
CA GLY B 164 28.46 -1.14 6.97
C GLY B 164 26.98 -0.77 7.04
N ALA B 165 26.28 -1.20 8.10
CA ALA B 165 24.84 -1.10 8.15
C ALA B 165 24.36 0.33 8.31
N THR B 166 23.15 0.59 7.84
CA THR B 166 22.32 1.69 8.32
C THR B 166 20.96 1.08 8.66
N ASN B 167 20.01 1.94 9.08
CA ASN B 167 18.72 1.50 9.54
C ASN B 167 17.98 0.91 8.34
N ASN B 168 18.27 1.46 7.15
CA ASN B 168 17.49 1.23 5.95
C ASN B 168 18.35 0.45 4.95
N GLY B 169 18.95 -0.63 5.44
CA GLY B 169 19.89 -1.42 4.66
C GLY B 169 19.24 -2.08 3.44
N ARG B 170 20.05 -2.25 2.40
CA ARG B 170 19.68 -3.03 1.23
C ARG B 170 20.85 -3.93 0.82
N GLY B 171 20.69 -4.52 -0.37
CA GLY B 171 21.72 -5.27 -1.05
C GLY B 171 22.61 -4.33 -1.85
N TRP B 172 23.76 -4.87 -2.29
CA TRP B 172 24.90 -4.07 -2.71
C TRP B 172 24.55 -3.23 -3.92
N SER B 173 23.70 -3.76 -4.79
CA SER B 173 23.33 -3.10 -6.02
C SER B 173 22.56 -1.79 -5.76
N LYS B 174 22.09 -1.59 -4.53
CA LYS B 174 21.28 -0.41 -4.29
C LYS B 174 21.85 0.38 -3.12
N GLN B 175 23.06 0.00 -2.69
CA GLN B 175 23.73 0.72 -1.61
C GLN B 175 24.35 1.99 -2.17
N ASN B 176 24.64 2.92 -1.27
CA ASN B 176 25.58 3.98 -1.61
C ASN B 176 26.28 4.39 -0.33
N GLY B 177 27.46 5.01 -0.44
CA GLY B 177 28.10 5.76 0.63
C GLY B 177 27.72 7.25 0.53
N ASP B 178 28.47 8.11 1.22
CA ASP B 178 28.22 9.54 1.17
C ASP B 178 28.52 10.01 -0.26
N GLY B 179 27.73 10.96 -0.74
CA GLY B 179 27.90 11.40 -2.11
C GLY B 179 27.28 12.76 -2.38
N PHE B 180 27.69 13.32 -3.52
CA PHE B 180 27.18 14.61 -3.93
C PHE B 180 27.05 14.64 -5.44
N GLY B 181 26.21 15.57 -5.89
CA GLY B 181 26.09 15.80 -7.31
C GLY B 181 25.62 17.21 -7.58
N THR B 182 25.76 17.59 -8.85
CA THR B 182 25.55 18.93 -9.31
C THR B 182 25.05 18.82 -10.75
N SER B 183 24.17 19.75 -11.11
CA SER B 183 23.62 19.81 -12.45
C SER B 183 23.53 21.27 -12.87
N LEU B 184 23.50 21.46 -14.19
CA LEU B 184 23.52 22.77 -14.81
C LEU B 184 22.87 22.65 -16.17
N THR B 185 21.86 23.48 -16.41
CA THR B 185 21.15 23.45 -17.66
C THR B 185 20.86 24.88 -18.10
N TYR B 186 20.93 25.07 -19.40
CA TYR B 186 20.86 26.38 -20.00
C TYR B 186 20.03 26.26 -21.27
N ASP B 187 19.06 27.18 -21.40
CA ASP B 187 18.26 27.34 -22.61
C ASP B 187 18.96 28.38 -23.48
N ILE B 188 19.90 27.93 -24.33
CA ILE B 188 20.74 28.81 -25.15
C ILE B 188 19.86 29.65 -26.09
N TRP B 189 18.94 29.02 -26.82
CA TRP B 189 17.84 29.72 -27.50
C TRP B 189 16.54 29.13 -26.99
N ASP B 190 15.40 29.70 -27.39
CA ASP B 190 14.14 29.04 -27.09
C ASP B 190 14.11 27.76 -27.92
N GLY B 191 13.66 26.67 -27.28
CA GLY B 191 13.62 25.37 -27.92
C GLY B 191 14.92 24.58 -27.77
N ILE B 192 16.07 25.25 -27.69
CA ILE B 192 17.34 24.53 -27.64
C ILE B 192 17.91 24.61 -26.22
N SER B 193 18.45 23.49 -25.73
CA SER B 193 18.99 23.43 -24.38
C SER B 193 20.20 22.52 -24.32
N ALA B 194 21.13 22.94 -23.46
CA ALA B 194 22.30 22.15 -23.14
C ALA B 194 22.38 21.95 -21.63
N GLY B 195 23.10 20.91 -21.22
CA GLY B 195 23.14 20.57 -19.82
C GLY B 195 24.27 19.62 -19.47
N PHE B 196 24.78 19.80 -18.25
CA PHE B 196 25.85 18.98 -17.71
C PHE B 196 25.43 18.54 -16.32
N ALA B 197 25.97 17.39 -15.89
CA ALA B 197 25.78 16.90 -14.55
C ALA B 197 26.98 16.05 -14.17
N TYR B 198 27.33 16.14 -12.87
CA TYR B 198 28.44 15.44 -12.29
C TYR B 198 27.96 14.84 -10.97
N SER B 199 28.48 13.65 -10.59
CA SER B 199 28.19 13.07 -9.30
C SER B 199 29.33 12.17 -8.82
N HIS B 200 29.51 12.17 -7.51
CA HIS B 200 30.62 11.50 -6.85
C HIS B 200 30.03 10.90 -5.59
N SER B 201 30.30 9.61 -5.39
CA SER B 201 29.80 8.91 -4.22
C SER B 201 30.83 7.88 -3.76
N LYS B 202 30.96 7.74 -2.44
CA LYS B 202 31.71 6.65 -1.87
C LYS B 202 30.96 5.35 -2.15
N ARG B 203 31.72 4.29 -2.40
CA ARG B 203 31.12 2.98 -2.53
C ARG B 203 31.21 2.30 -1.16
N THR B 204 30.46 1.21 -0.98
CA THR B 204 30.42 0.51 0.29
C THR B 204 31.32 -0.73 0.22
N ASP B 205 31.68 -1.28 1.38
CA ASP B 205 32.57 -2.41 1.48
C ASP B 205 31.89 -3.63 0.85
N GLU B 206 30.57 -3.79 1.07
CA GLU B 206 29.82 -4.85 0.42
C GLU B 206 29.93 -4.72 -1.10
N GLN B 207 29.82 -3.52 -1.68
CA GLN B 207 29.94 -3.41 -3.13
C GLN B 207 31.31 -3.87 -3.63
N ASN B 208 32.33 -3.82 -2.76
CA ASN B 208 33.71 -4.13 -3.15
C ASN B 208 34.11 -5.54 -2.72
N SER B 209 33.19 -6.32 -2.17
CA SER B 209 33.53 -7.65 -1.69
C SER B 209 32.55 -8.73 -2.19
N VAL B 210 31.24 -8.45 -2.23
CA VAL B 210 30.22 -9.47 -2.51
C VAL B 210 30.11 -9.80 -4.00
N PRO B 211 29.81 -8.83 -4.91
CA PRO B 211 29.82 -9.11 -6.35
C PRO B 211 31.24 -9.27 -6.88
N ALA B 212 31.39 -10.03 -7.96
CA ALA B 212 32.69 -10.26 -8.57
C ALA B 212 33.11 -9.06 -9.42
N LEU B 213 32.16 -8.27 -9.91
CA LEU B 213 32.42 -7.21 -10.87
C LEU B 213 32.37 -5.84 -10.21
N GLY B 214 33.44 -5.05 -10.45
CA GLY B 214 33.51 -3.64 -10.12
C GLY B 214 34.30 -3.40 -8.84
N ARG B 215 35.42 -2.66 -8.93
CA ARG B 215 36.23 -2.36 -7.76
C ARG B 215 36.58 -0.87 -7.78
N GLY B 216 36.68 -0.29 -6.59
CA GLY B 216 37.07 1.11 -6.43
C GLY B 216 36.37 1.75 -5.23
N ASP B 217 36.97 2.82 -4.71
CA ASP B 217 36.44 3.47 -3.53
C ASP B 217 35.36 4.47 -3.92
N ASN B 218 35.32 4.90 -5.18
CA ASN B 218 34.45 6.01 -5.57
C ASN B 218 33.64 5.67 -6.81
N ALA B 219 32.45 6.26 -6.88
CA ALA B 219 31.58 6.10 -8.03
C ALA B 219 31.33 7.49 -8.61
N GLU B 220 31.46 7.62 -9.92
CA GLU B 220 31.46 8.93 -10.53
C GLU B 220 30.64 8.85 -11.81
N THR B 221 29.91 9.94 -12.11
CA THR B 221 29.21 10.08 -13.37
C THR B 221 29.48 11.48 -13.95
N TYR B 222 29.59 11.52 -15.26
CA TYR B 222 29.79 12.74 -16.00
C TYR B 222 28.82 12.65 -17.16
N THR B 223 28.02 13.71 -17.31
CA THR B 223 26.89 13.69 -18.20
C THR B 223 26.79 15.01 -18.94
N GLY B 224 26.53 14.91 -20.24
CA GLY B 224 26.18 16.05 -21.07
C GLY B 224 25.02 15.67 -21.97
N GLY B 225 24.17 16.65 -22.28
CA GLY B 225 22.93 16.39 -22.98
C GLY B 225 22.47 17.62 -23.74
N LEU B 226 21.71 17.37 -24.80
CA LEU B 226 21.23 18.39 -25.71
C LEU B 226 19.75 18.13 -25.94
N LYS B 227 19.00 19.19 -26.24
CA LYS B 227 17.58 19.06 -26.42
C LYS B 227 17.03 20.15 -27.34
N TYR B 228 16.32 19.73 -28.37
CA TYR B 228 15.55 20.61 -29.21
C TYR B 228 14.08 20.28 -28.96
N ASP B 229 13.27 21.29 -28.60
CA ASP B 229 11.85 21.10 -28.35
C ASP B 229 11.06 22.32 -28.81
N ALA B 230 10.53 22.27 -30.05
CA ALA B 230 9.83 23.38 -30.66
C ALA B 230 9.31 22.92 -32.01
N ASN B 231 8.29 23.65 -32.52
CA ASN B 231 7.71 23.42 -33.85
C ASN B 231 7.25 21.98 -34.03
N ASN B 232 6.72 21.38 -32.94
CA ASN B 232 6.21 20.02 -32.93
C ASN B 232 7.32 18.97 -33.07
N ILE B 233 8.59 19.37 -32.95
CA ILE B 233 9.70 18.44 -33.05
C ILE B 233 10.33 18.29 -31.67
N TYR B 234 10.79 17.07 -31.36
CA TYR B 234 11.52 16.81 -30.13
C TYR B 234 12.71 15.92 -30.48
N LEU B 235 13.92 16.50 -30.28
CA LEU B 235 15.20 15.83 -30.45
C LEU B 235 15.91 15.92 -29.11
N ALA B 236 16.54 14.81 -28.69
CA ALA B 236 17.37 14.88 -27.51
C ALA B 236 18.38 13.75 -27.52
N SER B 237 19.52 14.07 -26.91
CA SER B 237 20.59 13.13 -26.71
C SER B 237 21.15 13.30 -25.30
N GLN B 238 21.81 12.24 -24.86
CA GLN B 238 22.47 12.24 -23.57
C GLN B 238 23.67 11.29 -23.68
N TYR B 239 24.87 11.80 -23.36
CA TYR B 239 26.08 10.99 -23.25
C TYR B 239 26.58 11.04 -21.81
N THR B 240 26.84 9.86 -21.23
CA THR B 240 27.24 9.71 -19.83
C THR B 240 28.39 8.71 -19.71
N GLN B 241 29.43 9.16 -19.00
CA GLN B 241 30.59 8.33 -18.70
C GLN B 241 30.58 8.06 -17.20
N THR B 242 30.69 6.77 -16.82
CA THR B 242 30.59 6.42 -15.42
C THR B 242 31.76 5.52 -15.00
N TYR B 243 32.14 5.70 -13.72
CA TYR B 243 33.18 4.91 -13.08
C TYR B 243 32.56 4.24 -11.86
N ASN B 244 32.52 2.90 -11.89
CA ASN B 244 32.09 2.06 -10.79
C ASN B 244 30.63 2.32 -10.42
N ALA B 245 29.80 2.75 -11.39
CA ALA B 245 28.50 3.31 -11.05
C ALA B 245 27.34 2.72 -11.87
N THR B 246 27.64 1.95 -12.94
CA THR B 246 26.64 1.39 -13.84
C THR B 246 26.59 -0.11 -13.59
N ARG B 247 25.35 -0.63 -13.41
CA ARG B 247 25.18 -2.03 -13.05
C ARG B 247 25.50 -2.88 -14.29
N ALA B 248 26.31 -3.91 -14.07
CA ALA B 248 26.57 -4.92 -15.08
C ALA B 248 25.62 -6.09 -14.84
N GLY B 249 24.32 -5.80 -14.99
CA GLY B 249 23.26 -6.71 -14.61
C GLY B 249 23.39 -7.14 -13.15
N SER B 250 23.24 -8.44 -12.92
CA SER B 250 23.25 -8.96 -11.57
C SER B 250 24.67 -9.27 -11.09
N LEU B 251 25.68 -9.09 -11.95
CA LEU B 251 27.02 -9.58 -11.63
C LEU B 251 27.82 -8.54 -10.85
N GLY B 252 27.42 -7.27 -10.93
CA GLY B 252 28.08 -6.22 -10.17
C GLY B 252 28.00 -4.88 -10.89
N PHE B 253 29.12 -4.14 -10.82
CA PHE B 253 29.24 -2.88 -11.52
C PHE B 253 30.36 -2.96 -12.55
N ALA B 254 30.24 -2.12 -13.59
CA ALA B 254 31.28 -1.93 -14.57
C ALA B 254 32.27 -0.89 -14.07
N ASN B 255 33.57 -1.23 -14.08
CA ASN B 255 34.61 -0.32 -13.65
C ASN B 255 34.50 0.98 -14.40
N LYS B 256 34.29 0.90 -15.73
CA LYS B 256 34.00 2.06 -16.55
C LYS B 256 32.84 1.70 -17.46
N ALA B 257 32.05 2.72 -17.82
CA ALA B 257 30.99 2.55 -18.78
C ALA B 257 30.74 3.87 -19.51
N GLN B 258 30.32 3.73 -20.77
CA GLN B 258 29.88 4.83 -21.61
C GLN B 258 28.43 4.56 -22.01
N ASN B 259 27.53 5.55 -21.80
CA ASN B 259 26.10 5.40 -22.03
C ASN B 259 25.60 6.47 -23.01
N PHE B 260 24.82 6.04 -24.01
CA PHE B 260 24.38 6.96 -25.04
C PHE B 260 22.91 6.67 -25.32
N GLU B 261 22.11 7.77 -25.35
CA GLU B 261 20.70 7.74 -25.67
C GLU B 261 20.41 8.92 -26.59
N VAL B 262 19.61 8.67 -27.64
CA VAL B 262 19.14 9.70 -28.55
C VAL B 262 17.72 9.35 -29.00
N VAL B 263 16.91 10.39 -29.23
CA VAL B 263 15.52 10.21 -29.53
C VAL B 263 14.98 11.36 -30.37
N ALA B 264 14.09 11.00 -31.29
CA ALA B 264 13.45 11.96 -32.14
C ALA B 264 11.95 11.67 -32.17
N GLN B 265 11.14 12.74 -32.12
CA GLN B 265 9.70 12.61 -32.04
C GLN B 265 9.03 13.75 -32.80
N TYR B 266 7.84 13.48 -33.34
CA TYR B 266 7.04 14.52 -33.96
C TYR B 266 5.62 14.46 -33.36
N GLN B 267 5.02 15.63 -33.08
CA GLN B 267 3.65 15.72 -32.57
C GLN B 267 2.73 16.26 -33.66
N PHE B 268 1.94 15.37 -34.28
CA PHE B 268 0.89 15.77 -35.20
C PHE B 268 -0.28 16.39 -34.44
N ASP B 269 -1.02 17.26 -35.13
CA ASP B 269 -2.09 18.07 -34.54
C ASP B 269 -3.22 17.20 -34.03
N PHE B 270 -3.60 16.16 -34.80
CA PHE B 270 -4.70 15.28 -34.45
C PHE B 270 -4.38 14.32 -33.29
N GLY B 271 -3.12 14.29 -32.82
CA GLY B 271 -2.78 13.65 -31.56
C GLY B 271 -1.78 12.49 -31.67
N LEU B 272 -1.35 12.09 -32.87
CA LEU B 272 -0.36 11.03 -32.97
C LEU B 272 1.05 11.57 -32.74
N ARG B 273 1.90 10.77 -32.06
CA ARG B 273 3.24 11.20 -31.72
C ARG B 273 4.20 10.02 -31.93
N PRO B 274 4.72 9.82 -33.15
CA PRO B 274 5.69 8.75 -33.39
C PRO B 274 7.04 9.04 -32.73
N SER B 275 7.83 7.98 -32.54
CA SER B 275 9.06 8.05 -31.79
C SER B 275 10.07 7.00 -32.27
N VAL B 276 11.31 7.47 -32.49
CA VAL B 276 12.43 6.59 -32.76
C VAL B 276 13.57 6.99 -31.83
N ALA B 277 14.33 5.97 -31.41
CA ALA B 277 15.38 6.18 -30.44
C ALA B 277 16.39 5.04 -30.50
N TYR B 278 17.59 5.34 -29.98
CA TYR B 278 18.69 4.40 -29.91
C TYR B 278 19.32 4.55 -28.53
N LEU B 279 19.62 3.42 -27.86
CA LEU B 279 20.18 3.44 -26.52
C LEU B 279 21.29 2.38 -26.44
N GLN B 280 22.47 2.77 -25.96
CA GLN B 280 23.49 1.75 -25.72
C GLN B 280 24.23 2.02 -24.42
N SER B 281 24.81 0.93 -23.89
CA SER B 281 25.62 0.99 -22.70
C SER B 281 26.78 0.01 -22.87
N LYS B 282 27.98 0.57 -22.95
CA LYS B 282 29.21 -0.16 -23.23
C LYS B 282 30.02 -0.26 -21.94
N GLY B 283 30.27 -1.49 -21.49
CA GLY B 283 31.00 -1.72 -20.25
C GLY B 283 32.44 -2.14 -20.53
N LYS B 284 33.37 -1.55 -19.75
CA LYS B 284 34.81 -1.63 -19.98
C LYS B 284 35.49 -2.19 -18.72
N ASP B 285 36.51 -3.02 -18.95
CA ASP B 285 37.39 -3.56 -17.92
C ASP B 285 36.60 -4.31 -16.85
N LEU B 286 35.69 -5.19 -17.28
CA LEU B 286 35.01 -6.10 -16.38
C LEU B 286 35.91 -7.29 -15.99
N GLU B 287 35.82 -7.71 -14.70
CA GLU B 287 36.65 -8.77 -14.15
C GLU B 287 36.16 -10.13 -14.64
N ARG B 288 36.85 -11.21 -14.21
CA ARG B 288 36.41 -12.58 -14.47
C ARG B 288 36.42 -12.86 -15.98
N GLY B 289 37.23 -12.13 -16.74
CA GLY B 289 37.36 -12.40 -18.16
C GLY B 289 36.25 -11.84 -19.04
N TYR B 290 35.42 -10.95 -18.52
CA TYR B 290 34.34 -10.41 -19.34
C TYR B 290 34.89 -9.31 -20.23
N GLY B 291 35.86 -8.54 -19.73
CA GLY B 291 36.45 -7.47 -20.51
C GLY B 291 35.42 -6.39 -20.88
N ASP B 292 35.41 -6.02 -22.17
CA ASP B 292 34.46 -5.08 -22.74
C ASP B 292 33.20 -5.83 -23.14
N GLN B 293 32.04 -5.26 -22.77
CA GLN B 293 30.76 -5.92 -23.00
C GLN B 293 29.68 -4.87 -23.22
N ASP B 294 28.74 -5.24 -24.08
CA ASP B 294 27.51 -4.51 -24.24
C ASP B 294 26.63 -4.82 -23.05
N ILE B 295 26.17 -3.76 -22.37
CA ILE B 295 25.26 -3.90 -21.25
C ILE B 295 23.85 -3.73 -21.80
N LEU B 296 23.70 -2.82 -22.75
CA LEU B 296 22.40 -2.47 -23.31
C LEU B 296 22.59 -1.95 -24.73
N LYS B 297 21.79 -2.46 -25.68
CA LYS B 297 21.85 -1.98 -27.05
C LYS B 297 20.52 -2.24 -27.76
N TYR B 298 19.78 -1.17 -28.08
CA TYR B 298 18.55 -1.37 -28.80
C TYR B 298 18.09 -0.10 -29.52
N VAL B 299 17.34 -0.35 -30.61
CA VAL B 299 16.61 0.66 -31.36
C VAL B 299 15.15 0.57 -30.94
N ASP B 300 14.48 1.72 -30.89
CA ASP B 300 13.14 1.81 -30.35
C ASP B 300 12.27 2.60 -31.30
N VAL B 301 11.17 1.99 -31.75
CA VAL B 301 10.21 2.66 -32.59
C VAL B 301 8.82 2.47 -31.96
N GLY B 302 8.01 3.54 -32.01
CA GLY B 302 6.67 3.46 -31.46
C GLY B 302 5.92 4.78 -31.60
N ALA B 303 4.74 4.83 -30.99
CA ALA B 303 3.87 5.98 -31.12
C ALA B 303 2.93 6.02 -29.92
N THR B 304 2.41 7.21 -29.67
CA THR B 304 1.42 7.45 -28.64
C THR B 304 0.31 8.27 -29.28
N TYR B 305 -0.94 7.81 -29.20
CA TYR B 305 -2.09 8.61 -29.57
C TYR B 305 -2.71 9.25 -28.32
N TYR B 306 -2.69 10.58 -28.25
CA TYR B 306 -3.30 11.31 -27.16
C TYR B 306 -4.75 11.63 -27.53
N PHE B 307 -5.72 11.04 -26.83
CA PHE B 307 -7.12 11.40 -27.03
C PHE B 307 -7.35 12.81 -26.45
N ASN B 308 -6.74 13.09 -25.29
CA ASN B 308 -6.80 14.39 -24.65
C ASN B 308 -5.80 14.35 -23.50
N LYS B 309 -5.89 15.30 -22.57
CA LYS B 309 -4.92 15.37 -21.50
C LYS B 309 -5.10 14.23 -20.50
N ASN B 310 -6.18 13.45 -20.59
CA ASN B 310 -6.48 12.47 -19.54
C ASN B 310 -6.42 11.02 -20.06
N MET B 311 -6.16 10.81 -21.35
CA MET B 311 -6.33 9.48 -21.90
C MET B 311 -5.46 9.36 -23.15
N SER B 312 -4.73 8.24 -23.23
CA SER B 312 -3.86 8.00 -24.36
C SER B 312 -3.71 6.51 -24.56
N THR B 313 -3.22 6.14 -25.74
CA THR B 313 -2.92 4.75 -26.04
C THR B 313 -1.57 4.76 -26.75
N TYR B 314 -0.91 3.60 -26.83
CA TYR B 314 0.44 3.55 -27.36
C TYR B 314 0.93 2.14 -27.67
N VAL B 315 1.90 2.10 -28.60
CA VAL B 315 2.65 0.90 -28.88
C VAL B 315 4.12 1.28 -28.85
N ASP B 316 4.98 0.34 -28.44
CA ASP B 316 6.42 0.56 -28.46
C ASP B 316 7.08 -0.76 -28.85
N TYR B 317 8.05 -0.68 -29.75
CA TYR B 317 8.75 -1.85 -30.26
C TYR B 317 10.24 -1.72 -29.95
N LYS B 318 10.69 -2.52 -29.00
CA LYS B 318 12.09 -2.57 -28.65
C LYS B 318 12.73 -3.63 -29.55
N ILE B 319 13.61 -3.16 -30.44
CA ILE B 319 14.38 -3.99 -31.34
C ILE B 319 15.73 -4.19 -30.70
N ASN B 320 15.92 -5.35 -30.07
CA ASN B 320 17.10 -5.64 -29.27
C ASN B 320 18.22 -6.00 -30.21
N LEU B 321 19.38 -5.36 -30.03
CA LEU B 321 20.57 -5.64 -30.84
C LEU B 321 21.64 -6.37 -30.05
N LEU B 322 21.43 -6.73 -28.78
CA LEU B 322 22.49 -7.43 -28.06
C LEU B 322 22.72 -8.81 -28.65
N ASP B 323 23.95 -9.27 -28.67
CA ASP B 323 24.22 -10.69 -28.91
C ASP B 323 24.13 -11.44 -27.60
N ASP B 324 23.40 -12.56 -27.64
CA ASP B 324 23.33 -13.51 -26.55
C ASP B 324 24.73 -14.14 -26.38
N ASN B 325 25.32 -13.98 -25.19
CA ASN B 325 26.60 -14.58 -24.85
C ASN B 325 26.61 -14.95 -23.37
N SER B 326 27.75 -15.43 -22.89
CA SER B 326 27.89 -15.86 -21.51
C SER B 326 27.73 -14.69 -20.53
N PHE B 327 28.18 -13.51 -20.91
CA PHE B 327 27.93 -12.33 -20.09
C PHE B 327 26.42 -12.09 -19.92
N THR B 328 25.63 -12.10 -21.01
CA THR B 328 24.22 -11.70 -20.93
C THR B 328 23.38 -12.76 -20.20
N ARG B 329 23.78 -14.03 -20.30
CA ARG B 329 23.12 -15.12 -19.59
C ARG B 329 23.41 -15.03 -18.08
N ASN B 330 24.68 -14.88 -17.70
CA ASN B 330 25.05 -14.90 -16.29
C ASN B 330 24.62 -13.62 -15.57
N ALA B 331 24.53 -12.51 -16.30
CA ALA B 331 24.14 -11.24 -15.72
C ALA B 331 22.62 -11.08 -15.74
N GLY B 332 21.93 -11.92 -16.52
CA GLY B 332 20.49 -11.85 -16.62
C GLY B 332 20.03 -10.66 -17.47
N ILE B 333 20.77 -10.36 -18.54
CA ILE B 333 20.43 -9.26 -19.40
C ILE B 333 19.63 -9.84 -20.56
N SER B 334 18.47 -9.23 -20.82
CA SER B 334 17.59 -9.72 -21.86
C SER B 334 18.20 -9.36 -23.21
N THR B 335 18.04 -10.25 -24.18
CA THR B 335 18.55 -10.04 -25.52
C THR B 335 17.42 -10.16 -26.53
N ASP B 336 16.19 -10.44 -26.06
CA ASP B 336 15.02 -10.56 -26.91
C ASP B 336 14.33 -9.21 -27.14
N ASP B 337 13.51 -9.17 -28.20
CA ASP B 337 12.74 -7.99 -28.58
C ASP B 337 11.46 -7.95 -27.75
N VAL B 338 10.78 -6.79 -27.74
CA VAL B 338 9.54 -6.70 -26.99
C VAL B 338 8.63 -5.64 -27.61
N VAL B 339 7.35 -6.02 -27.73
CA VAL B 339 6.32 -5.09 -28.13
C VAL B 339 5.46 -4.80 -26.90
N ALA B 340 4.93 -3.58 -26.85
CA ALA B 340 4.13 -3.17 -25.73
C ALA B 340 2.94 -2.41 -26.27
N LEU B 341 1.77 -2.84 -25.79
CA LEU B 341 0.52 -2.16 -26.05
C LEU B 341 0.01 -1.70 -24.70
N GLY B 342 -0.55 -0.49 -24.66
CA GLY B 342 -1.04 0.08 -23.42
C GLY B 342 -2.16 1.08 -23.66
N LEU B 343 -3.04 1.21 -22.65
CA LEU B 343 -4.14 2.16 -22.67
C LEU B 343 -4.15 2.82 -21.31
N VAL B 344 -4.05 4.15 -21.27
CA VAL B 344 -3.74 4.88 -20.04
C VAL B 344 -4.81 5.93 -19.77
N TYR B 345 -5.40 5.86 -18.56
CA TYR B 345 -6.19 6.92 -17.97
C TYR B 345 -5.30 7.68 -16.99
N GLN B 346 -5.25 9.03 -17.13
CA GLN B 346 -4.49 9.90 -16.24
C GLN B 346 -5.40 10.97 -15.64
N PHE B 347 -5.11 11.36 -14.39
CA PHE B 347 -5.87 12.37 -13.65
C PHE B 347 -4.93 13.45 -13.09
N GLY C 1 -19.95 6.68 -3.27
CA GLY C 1 -20.07 7.94 -4.01
C GLY C 1 -18.81 8.77 -3.82
N ALA C 2 -19.00 10.10 -3.68
CA ALA C 2 -17.95 11.06 -3.32
C ALA C 2 -17.17 11.54 -4.55
N GLU C 3 -17.82 12.47 -5.28
CA GLU C 3 -17.22 13.19 -6.40
C GLU C 3 -16.37 14.34 -5.87
N ILE C 4 -15.06 14.14 -5.90
CA ILE C 4 -14.11 15.12 -5.37
C ILE C 4 -13.55 15.99 -6.49
N TYR C 5 -13.92 15.73 -7.74
CA TYR C 5 -13.36 16.48 -8.86
C TYR C 5 -14.29 16.33 -10.05
N ASN C 6 -14.74 17.48 -10.56
CA ASN C 6 -15.60 17.51 -11.73
C ASN C 6 -15.41 18.84 -12.43
N LYS C 7 -14.54 18.87 -13.44
CA LYS C 7 -14.07 20.12 -14.04
C LYS C 7 -13.59 19.85 -15.46
N ASP C 8 -14.16 20.59 -16.42
CA ASP C 8 -13.73 20.60 -17.82
C ASP C 8 -13.82 19.20 -18.44
N GLY C 9 -14.94 18.50 -18.22
CA GLY C 9 -15.15 17.18 -18.79
C GLY C 9 -14.37 16.04 -18.10
N ASN C 10 -13.70 16.29 -16.98
CA ASN C 10 -13.01 15.25 -16.25
C ASN C 10 -13.61 15.12 -14.86
N LYS C 11 -14.03 13.91 -14.49
CA LYS C 11 -14.56 13.71 -13.15
C LYS C 11 -13.81 12.58 -12.45
N LEU C 12 -13.75 12.70 -11.12
CA LEU C 12 -13.06 11.77 -10.27
C LEU C 12 -13.92 11.49 -9.04
N ASP C 13 -14.09 10.19 -8.79
CA ASP C 13 -14.97 9.64 -7.79
C ASP C 13 -14.11 8.82 -6.83
N LEU C 14 -14.07 9.27 -5.58
CA LEU C 14 -13.33 8.58 -4.52
C LEU C 14 -14.36 7.78 -3.74
N TYR C 15 -14.17 6.45 -3.70
CA TYR C 15 -15.11 5.56 -3.01
C TYR C 15 -14.30 4.60 -2.12
N GLY C 16 -15.02 3.95 -1.20
CA GLY C 16 -14.43 2.95 -0.32
C GLY C 16 -15.29 2.66 0.91
N LYS C 17 -14.78 1.79 1.77
CA LYS C 17 -15.46 1.57 3.02
C LYS C 17 -14.46 1.19 4.11
N ILE C 18 -14.93 1.33 5.34
CA ILE C 18 -14.22 0.83 6.51
C ILE C 18 -15.17 -0.12 7.20
N ASP C 19 -14.71 -1.39 7.29
CA ASP C 19 -15.57 -2.48 7.73
C ASP C 19 -15.01 -3.05 9.02
N GLY C 20 -15.71 -2.72 10.11
CA GLY C 20 -15.37 -3.21 11.42
C GLY C 20 -16.08 -4.52 11.66
N LEU C 21 -15.31 -5.61 11.75
CA LEU C 21 -15.84 -6.94 11.50
C LEU C 21 -15.14 -7.96 12.39
N HIS C 22 -15.96 -8.75 13.09
CA HIS C 22 -15.46 -9.84 13.93
C HIS C 22 -16.12 -11.13 13.47
N TYR C 23 -15.33 -12.21 13.40
CA TYR C 23 -15.81 -13.57 13.17
C TYR C 23 -15.71 -14.42 14.44
N PHE C 24 -16.77 -15.20 14.73
CA PHE C 24 -16.83 -16.18 15.80
C PHE C 24 -16.96 -17.58 15.20
N SER C 25 -16.01 -18.47 15.51
CA SER C 25 -15.96 -19.77 14.86
C SER C 25 -15.02 -20.72 15.62
N ASP C 26 -15.23 -22.04 15.51
CA ASP C 26 -14.27 -22.99 16.07
C ASP C 26 -13.09 -23.16 15.13
N ASP C 27 -13.26 -22.72 13.88
CA ASP C 27 -12.15 -22.73 12.93
C ASP C 27 -11.20 -21.59 13.31
N LYS C 28 -10.00 -21.97 13.73
CA LYS C 28 -9.04 -21.00 14.26
C LYS C 28 -8.44 -20.16 13.13
N SER C 29 -8.50 -20.65 11.89
CA SER C 29 -8.01 -19.87 10.77
C SER C 29 -8.99 -18.78 10.31
N VAL C 30 -10.21 -18.76 10.88
CA VAL C 30 -11.26 -17.85 10.45
C VAL C 30 -11.67 -16.95 11.62
N ASP C 31 -11.61 -17.48 12.83
CA ASP C 31 -12.13 -16.84 14.02
C ASP C 31 -11.32 -15.59 14.36
N GLY C 32 -12.01 -14.58 14.88
CA GLY C 32 -11.36 -13.40 15.42
C GLY C 32 -11.61 -12.16 14.56
N ASP C 33 -10.72 -11.15 14.73
CA ASP C 33 -10.85 -9.85 14.10
C ASP C 33 -10.60 -9.95 12.60
N GLN C 34 -11.45 -9.24 11.84
CA GLN C 34 -11.45 -9.29 10.38
C GLN C 34 -11.58 -7.89 9.81
N THR C 35 -11.31 -6.86 10.63
CA THR C 35 -11.39 -5.49 10.18
C THR C 35 -10.49 -5.27 8.95
N TYR C 36 -11.05 -4.52 7.99
CA TYR C 36 -10.36 -4.18 6.75
C TYR C 36 -11.08 -2.96 6.16
N MET C 37 -10.44 -2.34 5.15
CA MET C 37 -11.03 -1.19 4.48
C MET C 37 -10.74 -1.27 2.99
N ARG C 38 -11.61 -0.61 2.20
CA ARG C 38 -11.50 -0.54 0.75
C ARG C 38 -11.42 0.92 0.36
N VAL C 39 -10.51 1.23 -0.58
CA VAL C 39 -10.38 2.56 -1.14
C VAL C 39 -10.18 2.41 -2.64
N GLY C 40 -10.75 3.39 -3.36
CA GLY C 40 -10.61 3.43 -4.79
C GLY C 40 -11.17 4.71 -5.40
N VAL C 41 -11.01 4.72 -6.74
CA VAL C 41 -11.10 5.89 -7.58
C VAL C 41 -11.75 5.42 -8.87
N LYS C 42 -12.83 6.12 -9.24
CA LYS C 42 -13.45 5.95 -10.53
C LYS C 42 -13.26 7.29 -11.24
N GLY C 43 -12.65 7.22 -12.41
CA GLY C 43 -12.35 8.39 -13.22
C GLY C 43 -12.92 8.21 -14.62
N GLU C 44 -13.42 9.35 -15.15
CA GLU C 44 -14.08 9.45 -16.43
C GLU C 44 -13.67 10.74 -17.12
N THR C 45 -13.42 10.66 -18.43
CA THR C 45 -12.99 11.81 -19.22
C THR C 45 -13.75 11.80 -20.53
N GLN C 46 -14.47 12.90 -20.81
CA GLN C 46 -15.15 13.09 -22.08
C GLN C 46 -14.13 13.51 -23.13
N ILE C 47 -14.05 12.74 -24.22
CA ILE C 47 -13.04 12.95 -25.25
C ILE C 47 -13.69 13.70 -26.40
N ASN C 48 -14.87 13.25 -26.82
CA ASN C 48 -15.63 13.88 -27.88
C ASN C 48 -17.06 13.35 -27.77
N ASP C 49 -17.93 13.82 -28.67
CA ASP C 49 -19.34 13.50 -28.69
C ASP C 49 -19.60 12.01 -28.51
N GLN C 50 -18.76 11.15 -29.10
CA GLN C 50 -19.09 9.75 -29.23
C GLN C 50 -18.19 8.87 -28.36
N LEU C 51 -17.18 9.46 -27.71
CA LEU C 51 -16.11 8.68 -27.10
C LEU C 51 -15.79 9.22 -25.70
N THR C 52 -15.84 8.32 -24.69
CA THR C 52 -15.45 8.62 -23.33
C THR C 52 -14.36 7.63 -22.87
N GLY C 53 -13.37 8.17 -22.17
CA GLY C 53 -12.34 7.36 -21.59
C GLY C 53 -12.48 7.32 -20.07
N TYR C 54 -12.02 6.21 -19.47
CA TYR C 54 -12.28 5.96 -18.06
C TYR C 54 -11.24 4.99 -17.50
N GLY C 55 -11.12 5.05 -16.18
CA GLY C 55 -10.36 4.02 -15.49
C GLY C 55 -10.82 3.92 -14.05
N GLN C 56 -10.37 2.82 -13.44
CA GLN C 56 -10.83 2.50 -12.11
C GLN C 56 -9.80 1.61 -11.43
N TRP C 57 -9.55 2.03 -10.17
CA TRP C 57 -8.67 1.37 -9.22
C TRP C 57 -9.47 1.12 -7.94
N GLU C 58 -9.23 -0.07 -7.35
CA GLU C 58 -9.80 -0.48 -6.08
C GLU C 58 -8.76 -1.28 -5.30
N TYR C 59 -8.52 -0.83 -4.06
CA TYR C 59 -7.46 -1.39 -3.23
C TYR C 59 -8.09 -1.91 -1.94
N ASN C 60 -7.65 -3.11 -1.53
CA ASN C 60 -8.06 -3.73 -0.28
C ASN C 60 -6.93 -3.58 0.74
N VAL C 61 -7.27 -3.08 1.93
CA VAL C 61 -6.32 -2.87 3.00
C VAL C 61 -6.85 -3.55 4.28
N GLN C 62 -6.11 -4.57 4.72
CA GLN C 62 -6.34 -5.26 5.98
C GLN C 62 -5.87 -4.36 7.12
N ALA C 63 -6.64 -4.41 8.22
CA ALA C 63 -6.35 -3.68 9.45
C ALA C 63 -6.49 -4.60 10.66
N ASN C 64 -6.39 -5.92 10.44
CA ASN C 64 -6.68 -6.84 11.51
C ASN C 64 -5.41 -7.51 11.98
N ASN C 65 -4.29 -7.06 11.46
CA ASN C 65 -3.02 -7.61 11.92
C ASN C 65 -2.12 -6.44 12.31
N THR C 66 -0.88 -6.75 12.65
CA THR C 66 0.04 -5.83 13.32
C THR C 66 0.68 -4.89 12.29
N GLU C 67 1.50 -3.96 12.79
CA GLU C 67 2.19 -2.99 11.95
C GLU C 67 3.51 -3.56 11.41
N SER C 68 3.90 -4.76 11.87
CA SER C 68 5.05 -5.48 11.30
C SER C 68 4.64 -6.69 10.46
N SER C 69 3.32 -6.94 10.30
CA SER C 69 2.81 -8.06 9.51
C SER C 69 3.09 -7.87 8.01
N SER C 70 2.98 -8.95 7.25
CA SER C 70 3.30 -8.96 5.82
C SER C 70 2.04 -9.07 4.97
N ASP C 71 2.04 -8.43 3.79
CA ASP C 71 1.11 -8.74 2.71
C ASP C 71 -0.32 -8.34 3.05
N GLN C 72 -0.48 -7.20 3.73
CA GLN C 72 -1.78 -6.81 4.24
C GLN C 72 -2.55 -5.92 3.28
N ALA C 73 -2.01 -5.60 2.09
CA ALA C 73 -2.75 -4.78 1.13
C ALA C 73 -2.59 -5.33 -0.28
N TRP C 74 -3.67 -5.28 -1.07
CA TRP C 74 -3.61 -5.72 -2.46
C TRP C 74 -4.67 -5.02 -3.32
N THR C 75 -4.36 -5.00 -4.63
CA THR C 75 -5.22 -4.44 -5.66
C THR C 75 -6.28 -5.44 -6.13
N ARG C 76 -7.53 -5.01 -6.01
CA ARG C 76 -8.68 -5.76 -6.49
C ARG C 76 -8.96 -5.42 -7.95
N LEU C 77 -8.96 -4.12 -8.29
CA LEU C 77 -9.30 -3.66 -9.63
C LEU C 77 -8.27 -2.60 -10.07
N ALA C 78 -7.85 -2.70 -11.35
CA ALA C 78 -7.09 -1.66 -12.04
C ALA C 78 -7.30 -1.81 -13.56
N PHE C 79 -8.09 -0.93 -14.15
CA PHE C 79 -8.30 -1.03 -15.59
C PHE C 79 -8.64 0.34 -16.16
N ALA C 80 -8.36 0.44 -17.48
CA ALA C 80 -8.59 1.63 -18.27
C ALA C 80 -9.36 1.22 -19.53
N GLY C 81 -10.24 2.12 -19.98
CA GLY C 81 -11.04 1.80 -21.14
C GLY C 81 -11.60 3.01 -21.87
N LEU C 82 -12.32 2.67 -22.93
CA LEU C 82 -12.97 3.59 -23.80
C LEU C 82 -14.41 3.12 -23.96
N LYS C 83 -15.31 4.10 -24.01
CA LYS C 83 -16.73 3.89 -24.19
C LYS C 83 -17.13 4.63 -25.48
N PHE C 84 -17.68 3.88 -26.44
CA PHE C 84 -17.98 4.40 -27.77
C PHE C 84 -19.50 4.54 -27.96
N GLY C 85 -20.17 5.34 -27.12
CA GLY C 85 -21.63 5.41 -27.14
C GLY C 85 -22.23 4.01 -27.13
N ASP C 86 -23.16 3.73 -28.06
CA ASP C 86 -23.90 2.47 -28.03
C ASP C 86 -23.23 1.40 -28.90
N ALA C 87 -22.00 1.65 -29.38
CA ALA C 87 -21.26 0.62 -30.11
C ALA C 87 -20.53 -0.29 -29.12
N GLY C 88 -20.48 0.11 -27.85
CA GLY C 88 -19.97 -0.73 -26.79
C GLY C 88 -18.86 -0.03 -26.00
N SER C 89 -18.14 -0.84 -25.21
CA SER C 89 -16.96 -0.37 -24.52
C SER C 89 -15.88 -1.45 -24.45
N PHE C 90 -14.63 -1.02 -24.23
CA PHE C 90 -13.49 -1.88 -24.16
C PHE C 90 -12.65 -1.45 -22.97
N ASP C 91 -12.17 -2.42 -22.18
CA ASP C 91 -11.18 -2.13 -21.15
C ASP C 91 -10.24 -3.32 -20.94
N TYR C 92 -9.01 -2.97 -20.53
CA TYR C 92 -7.97 -3.93 -20.20
C TYR C 92 -7.42 -3.55 -18.84
N GLY C 93 -7.01 -4.59 -18.10
CA GLY C 93 -6.44 -4.48 -16.75
C GLY C 93 -6.72 -5.71 -15.89
N ARG C 94 -6.66 -5.50 -14.56
CA ARG C 94 -7.26 -6.42 -13.60
C ARG C 94 -8.73 -6.06 -13.47
N ASN C 95 -9.60 -7.04 -13.83
CA ASN C 95 -11.04 -6.79 -13.82
C ASN C 95 -11.75 -8.12 -13.57
N TYR C 96 -13.09 -8.02 -13.51
CA TYR C 96 -13.99 -9.14 -13.26
C TYR C 96 -14.12 -9.98 -14.52
N GLY C 97 -13.95 -11.30 -14.40
CA GLY C 97 -14.28 -12.20 -15.49
C GLY C 97 -15.78 -12.19 -15.76
N VAL C 98 -16.18 -12.45 -17.02
CA VAL C 98 -17.57 -12.18 -17.42
C VAL C 98 -18.52 -13.18 -16.76
N VAL C 99 -17.99 -14.34 -16.32
CA VAL C 99 -18.79 -15.33 -15.63
C VAL C 99 -19.55 -14.66 -14.47
N TYR C 100 -18.87 -13.75 -13.78
CA TYR C 100 -19.43 -13.06 -12.63
C TYR C 100 -20.53 -12.07 -13.03
N ASP C 101 -20.71 -11.78 -14.33
CA ASP C 101 -21.85 -10.94 -14.75
C ASP C 101 -23.16 -11.65 -14.41
N VAL C 102 -23.11 -12.99 -14.23
CA VAL C 102 -24.28 -13.75 -13.82
C VAL C 102 -24.21 -14.13 -12.33
N THR C 103 -23.12 -14.80 -11.92
CA THR C 103 -22.98 -15.27 -10.55
C THR C 103 -23.03 -14.12 -9.54
N SER C 104 -22.71 -12.89 -9.97
CA SER C 104 -22.85 -11.72 -9.10
C SER C 104 -24.26 -11.55 -8.54
N TRP C 105 -25.26 -12.16 -9.18
CA TRP C 105 -26.64 -12.00 -8.74
C TRP C 105 -26.88 -12.65 -7.39
N THR C 106 -26.06 -13.67 -7.02
CA THR C 106 -26.21 -14.36 -5.75
C THR C 106 -25.20 -13.89 -4.71
N ASP C 107 -24.31 -12.98 -5.10
CA ASP C 107 -23.31 -12.45 -4.20
C ASP C 107 -23.82 -11.14 -3.58
N VAL C 108 -24.76 -11.30 -2.65
CA VAL C 108 -25.49 -10.21 -2.02
C VAL C 108 -25.76 -10.56 -0.56
N LEU C 109 -25.04 -11.55 -0.03
CA LEU C 109 -25.20 -11.95 1.36
C LEU C 109 -24.68 -10.83 2.27
N PRO C 110 -25.19 -10.73 3.51
CA PRO C 110 -24.70 -9.72 4.45
C PRO C 110 -23.17 -9.65 4.53
N GLU C 111 -22.49 -10.81 4.48
CA GLU C 111 -21.05 -10.88 4.64
C GLU C 111 -20.44 -12.06 3.88
N PHE C 112 -21.05 -13.26 3.92
CA PHE C 112 -20.44 -14.41 3.26
C PHE C 112 -20.87 -14.45 1.79
N GLY C 113 -20.64 -15.59 1.13
CA GLY C 113 -20.98 -15.76 -0.27
C GLY C 113 -19.89 -15.13 -1.15
N GLY C 114 -20.07 -15.10 -2.48
CA GLY C 114 -19.09 -14.46 -3.36
C GLY C 114 -17.81 -15.28 -3.49
N ASP C 115 -16.66 -14.60 -3.74
CA ASP C 115 -15.40 -15.28 -3.97
C ASP C 115 -14.89 -15.90 -2.67
N GLY C 116 -14.32 -17.10 -2.79
CA GLY C 116 -13.90 -17.86 -1.62
C GLY C 116 -14.87 -19.00 -1.36
N ASP C 117 -16.04 -18.93 -2.02
CA ASP C 117 -17.08 -19.93 -1.83
C ASP C 117 -17.09 -20.88 -3.03
N THR C 118 -18.04 -20.79 -3.97
CA THR C 118 -18.10 -21.75 -5.08
C THR C 118 -17.04 -21.47 -6.15
N TYR C 119 -16.54 -20.23 -6.18
CA TYR C 119 -15.44 -19.81 -7.04
C TYR C 119 -14.53 -18.89 -6.21
N GLY C 120 -13.39 -18.48 -6.76
CA GLY C 120 -12.50 -17.56 -6.07
C GLY C 120 -11.95 -16.52 -7.02
N SER C 121 -11.07 -15.65 -6.48
CA SER C 121 -10.35 -14.69 -7.30
C SER C 121 -9.12 -15.37 -7.93
N ASP C 122 -8.65 -14.81 -9.06
CA ASP C 122 -7.56 -15.35 -9.85
C ASP C 122 -7.83 -16.82 -10.19
N ASN C 123 -9.08 -17.08 -10.61
CA ASN C 123 -9.61 -18.42 -10.83
C ASN C 123 -10.21 -18.49 -12.23
N PHE C 124 -9.37 -18.34 -13.26
CA PHE C 124 -9.84 -18.20 -14.64
C PHE C 124 -10.82 -17.02 -14.68
N LEU C 125 -11.88 -17.04 -15.48
CA LEU C 125 -12.66 -15.81 -15.62
C LEU C 125 -13.87 -15.82 -14.68
N GLN C 126 -13.73 -16.45 -13.51
CA GLN C 126 -14.87 -16.66 -12.62
C GLN C 126 -15.12 -15.43 -11.73
N SER C 127 -14.05 -14.66 -11.47
CA SER C 127 -14.03 -13.48 -10.63
C SER C 127 -12.95 -12.56 -11.12
N ARG C 128 -12.33 -11.80 -10.21
CA ARG C 128 -11.27 -10.86 -10.54
C ARG C 128 -10.06 -11.62 -11.08
N ALA C 129 -9.45 -11.06 -12.14
CA ALA C 129 -8.42 -11.72 -12.92
C ALA C 129 -7.39 -10.74 -13.48
N ASN C 130 -6.16 -11.25 -13.69
CA ASN C 130 -5.13 -10.43 -14.30
C ASN C 130 -5.28 -10.47 -15.82
N GLY C 131 -5.29 -9.28 -16.43
CA GLY C 131 -4.99 -9.22 -17.86
C GLY C 131 -6.16 -9.63 -18.73
N VAL C 132 -7.36 -9.12 -18.41
CA VAL C 132 -8.54 -9.40 -19.20
C VAL C 132 -8.88 -8.19 -20.07
N ALA C 133 -9.05 -8.47 -21.37
CA ALA C 133 -9.58 -7.54 -22.35
C ALA C 133 -11.07 -7.85 -22.50
N THR C 134 -11.90 -6.81 -22.31
CA THR C 134 -13.33 -7.01 -22.15
C THR C 134 -14.07 -6.00 -23.00
N TYR C 135 -14.81 -6.54 -23.99
CA TYR C 135 -15.75 -5.79 -24.80
C TYR C 135 -17.12 -6.02 -24.20
N ARG C 136 -17.86 -4.91 -24.00
CA ARG C 136 -19.20 -4.93 -23.44
C ARG C 136 -20.16 -4.14 -24.32
N ASN C 137 -21.41 -4.61 -24.33
CA ASN C 137 -22.45 -3.99 -25.11
C ASN C 137 -23.71 -4.02 -24.26
N SER C 138 -24.36 -2.86 -24.15
CA SER C 138 -25.59 -2.75 -23.39
C SER C 138 -26.71 -2.39 -24.34
N ASP C 139 -27.87 -3.05 -24.17
CA ASP C 139 -29.08 -2.82 -24.96
C ASP C 139 -28.83 -3.15 -26.43
N PHE C 140 -27.99 -4.16 -26.71
CA PHE C 140 -27.72 -4.64 -28.06
C PHE C 140 -27.70 -3.49 -29.08
N PHE C 141 -26.70 -2.59 -28.95
CA PHE C 141 -26.47 -1.49 -29.87
C PHE C 141 -27.62 -0.47 -29.81
N GLY C 142 -28.34 -0.39 -28.70
CA GLY C 142 -29.46 0.54 -28.54
C GLY C 142 -30.77 0.04 -29.14
N LEU C 143 -30.75 -1.16 -29.74
CA LEU C 143 -31.89 -1.70 -30.47
C LEU C 143 -32.81 -2.57 -29.59
N VAL C 144 -32.25 -3.36 -28.67
CA VAL C 144 -33.05 -4.22 -27.82
C VAL C 144 -32.80 -3.88 -26.35
N ASP C 145 -33.71 -3.08 -25.81
CA ASP C 145 -33.64 -2.65 -24.42
C ASP C 145 -33.48 -3.87 -23.50
N GLY C 146 -32.52 -3.79 -22.57
CA GLY C 146 -32.35 -4.80 -21.53
C GLY C 146 -31.45 -5.98 -21.94
N LEU C 147 -31.00 -6.02 -23.20
CA LEU C 147 -30.15 -7.12 -23.65
C LEU C 147 -28.68 -6.71 -23.62
N ASN C 148 -27.87 -7.39 -22.81
CA ASN C 148 -26.47 -7.06 -22.61
C ASN C 148 -25.59 -8.26 -22.92
N PHE C 149 -24.41 -8.00 -23.48
CA PHE C 149 -23.50 -9.09 -23.73
C PHE C 149 -22.07 -8.60 -23.56
N ALA C 150 -21.18 -9.60 -23.44
CA ALA C 150 -19.79 -9.31 -23.20
C ALA C 150 -18.92 -10.39 -23.87
N LEU C 151 -17.79 -9.94 -24.42
CA LEU C 151 -16.82 -10.85 -24.99
C LEU C 151 -15.50 -10.49 -24.31
N GLN C 152 -14.74 -11.52 -23.95
CA GLN C 152 -13.60 -11.31 -23.08
C GLN C 152 -12.47 -12.26 -23.45
N TYR C 153 -11.23 -11.75 -23.43
CA TYR C 153 -10.03 -12.53 -23.65
C TYR C 153 -9.09 -12.31 -22.49
N GLN C 154 -8.28 -13.35 -22.18
CA GLN C 154 -7.33 -13.28 -21.09
C GLN C 154 -6.03 -13.93 -21.56
N GLY C 155 -4.92 -13.17 -21.43
CA GLY C 155 -3.62 -13.72 -21.75
C GLY C 155 -3.13 -14.69 -20.68
N LYS C 156 -2.18 -15.55 -21.05
CA LYS C 156 -1.58 -16.51 -20.15
C LYS C 156 -0.93 -15.77 -18.96
N ASN C 157 -1.18 -16.33 -17.75
CA ASN C 157 -0.61 -15.90 -16.48
C ASN C 157 -0.01 -17.16 -15.84
N GLY C 158 1.31 -17.30 -15.92
CA GLY C 158 1.94 -18.61 -15.82
C GLY C 158 2.72 -18.80 -14.53
N SER C 159 3.78 -19.61 -14.61
CA SER C 159 4.53 -19.99 -13.42
C SER C 159 5.54 -18.90 -13.10
N VAL C 160 6.12 -18.96 -11.88
CA VAL C 160 7.14 -17.99 -11.47
C VAL C 160 8.37 -18.11 -12.36
N SER C 161 8.69 -19.34 -12.78
CA SER C 161 9.82 -19.60 -13.69
C SER C 161 9.62 -20.94 -14.40
N GLY C 162 10.64 -21.37 -15.15
CA GLY C 162 10.55 -22.60 -15.93
C GLY C 162 9.90 -22.31 -17.29
N GLU C 163 9.49 -23.37 -17.99
CA GLU C 163 9.04 -23.24 -19.36
C GLU C 163 7.73 -22.45 -19.43
N GLY C 164 6.92 -22.55 -18.37
CA GLY C 164 5.53 -22.14 -18.45
C GLY C 164 5.32 -20.72 -17.89
N ALA C 165 6.41 -19.97 -17.79
CA ALA C 165 6.44 -18.77 -16.98
C ALA C 165 5.98 -17.53 -17.77
N THR C 166 5.49 -16.54 -17.04
CA THR C 166 5.31 -15.19 -17.53
C THR C 166 5.92 -14.22 -16.52
N ASN C 167 5.77 -12.91 -16.80
CA ASN C 167 6.45 -11.91 -15.98
C ASN C 167 5.82 -11.99 -14.60
N ASN C 168 4.52 -12.27 -14.59
CA ASN C 168 3.68 -12.07 -13.41
C ASN C 168 3.28 -13.41 -12.83
N GLY C 169 4.27 -14.29 -12.68
CA GLY C 169 4.07 -15.66 -12.29
C GLY C 169 3.47 -15.79 -10.89
N ARG C 170 2.68 -16.84 -10.71
CA ARG C 170 1.98 -17.15 -9.47
C ARG C 170 1.90 -18.68 -9.38
N GLY C 171 1.48 -19.19 -8.23
CA GLY C 171 1.26 -20.62 -8.03
C GLY C 171 0.07 -21.18 -8.82
N TRP C 172 0.10 -22.50 -9.00
CA TRP C 172 -0.79 -23.21 -9.91
C TRP C 172 -2.26 -22.91 -9.69
N SER C 173 -2.68 -22.72 -8.47
CA SER C 173 -4.09 -22.44 -8.19
C SER C 173 -4.55 -21.08 -8.74
N LYS C 174 -3.65 -20.17 -9.08
CA LYS C 174 -4.10 -18.89 -9.62
C LYS C 174 -3.53 -18.63 -11.03
N GLN C 175 -2.94 -19.66 -11.62
CA GLN C 175 -2.45 -19.59 -12.98
C GLN C 175 -3.64 -19.74 -13.93
N ASN C 176 -3.45 -19.28 -15.17
CA ASN C 176 -4.34 -19.63 -16.25
C ASN C 176 -3.51 -19.54 -17.52
N GLY C 177 -3.90 -20.30 -18.56
CA GLY C 177 -3.46 -20.13 -19.94
C GLY C 177 -4.35 -19.12 -20.69
N ASP C 178 -4.17 -19.03 -22.02
CA ASP C 178 -5.00 -18.18 -22.87
C ASP C 178 -6.43 -18.69 -22.77
N GLY C 179 -7.38 -17.74 -22.82
CA GLY C 179 -8.76 -18.10 -22.58
C GLY C 179 -9.69 -16.97 -22.95
N PHE C 180 -10.98 -17.32 -23.01
CA PHE C 180 -11.98 -16.37 -23.45
C PHE C 180 -13.29 -16.68 -22.74
N GLY C 181 -14.23 -15.72 -22.84
CA GLY C 181 -15.51 -15.92 -22.20
C GLY C 181 -16.56 -14.95 -22.74
N THR C 182 -17.81 -15.29 -22.46
CA THR C 182 -18.91 -14.58 -23.04
C THR C 182 -20.03 -14.61 -22.02
N SER C 183 -20.86 -13.55 -22.04
CA SER C 183 -22.01 -13.47 -21.18
C SER C 183 -23.11 -12.76 -21.90
N LEU C 184 -24.32 -12.96 -21.39
CA LEU C 184 -25.55 -12.50 -21.98
C LEU C 184 -26.59 -12.45 -20.88
N THR C 185 -27.25 -11.30 -20.73
CA THR C 185 -28.27 -11.09 -19.73
C THR C 185 -29.42 -10.32 -20.39
N TYR C 186 -30.65 -10.69 -20.03
CA TYR C 186 -31.83 -10.09 -20.60
C TYR C 186 -32.80 -9.75 -19.48
N ASP C 187 -33.28 -8.50 -19.50
CA ASP C 187 -34.34 -8.02 -18.62
C ASP C 187 -35.67 -8.22 -19.33
N ILE C 188 -36.40 -9.29 -18.98
CA ILE C 188 -37.69 -9.54 -19.61
C ILE C 188 -38.69 -8.49 -19.12
N TRP C 189 -38.79 -8.28 -17.80
CA TRP C 189 -39.42 -7.09 -17.23
C TRP C 189 -38.31 -6.20 -16.66
N ASP C 190 -38.68 -5.11 -15.99
CA ASP C 190 -37.70 -4.22 -15.37
C ASP C 190 -37.23 -4.79 -14.03
N GLY C 191 -37.83 -5.88 -13.53
CA GLY C 191 -37.35 -6.55 -12.33
C GLY C 191 -36.77 -7.96 -12.59
N ILE C 192 -37.29 -8.66 -13.59
CA ILE C 192 -36.99 -10.06 -13.80
C ILE C 192 -35.89 -10.16 -14.86
N SER C 193 -34.92 -11.05 -14.65
CA SER C 193 -33.77 -11.16 -15.53
C SER C 193 -33.31 -12.60 -15.57
N ALA C 194 -32.76 -12.96 -16.72
CA ALA C 194 -32.10 -14.24 -16.89
C ALA C 194 -30.74 -13.98 -17.51
N GLY C 195 -29.82 -14.93 -17.32
CA GLY C 195 -28.49 -14.73 -17.85
C GLY C 195 -27.72 -16.03 -17.95
N PHE C 196 -26.80 -16.04 -18.90
CA PHE C 196 -25.97 -17.19 -19.20
C PHE C 196 -24.55 -16.64 -19.32
N ALA C 197 -23.54 -17.49 -19.08
CA ALA C 197 -22.17 -17.13 -19.34
C ALA C 197 -21.38 -18.40 -19.62
N TYR C 198 -20.35 -18.25 -20.43
CA TYR C 198 -19.51 -19.37 -20.82
C TYR C 198 -18.06 -18.88 -20.73
N SER C 199 -17.12 -19.76 -20.32
CA SER C 199 -15.70 -19.52 -20.47
C SER C 199 -14.92 -20.80 -20.78
N HIS C 200 -13.82 -20.61 -21.51
CA HIS C 200 -12.91 -21.65 -21.92
C HIS C 200 -11.49 -21.07 -21.80
N SER C 201 -10.64 -21.76 -21.02
CA SER C 201 -9.28 -21.34 -20.77
C SER C 201 -8.38 -22.55 -20.93
N LYS C 202 -7.14 -22.33 -21.36
CA LYS C 202 -6.14 -23.39 -21.38
C LYS C 202 -5.52 -23.56 -19.99
N ARG C 203 -5.37 -24.80 -19.57
CA ARG C 203 -4.71 -25.05 -18.31
C ARG C 203 -3.21 -24.95 -18.52
N THR C 204 -2.45 -24.69 -17.46
CA THR C 204 -1.00 -24.60 -17.53
C THR C 204 -0.38 -25.93 -17.09
N ASP C 205 0.92 -26.07 -17.28
CA ASP C 205 1.57 -27.35 -17.00
C ASP C 205 1.63 -27.60 -15.48
N GLU C 206 1.82 -26.54 -14.68
CA GLU C 206 1.91 -26.72 -13.24
C GLU C 206 0.58 -27.22 -12.69
N GLN C 207 -0.55 -26.81 -13.29
CA GLN C 207 -1.85 -27.23 -12.78
C GLN C 207 -2.04 -28.73 -12.97
N ASN C 208 -1.39 -29.31 -13.98
CA ASN C 208 -1.50 -30.74 -14.24
C ASN C 208 -0.39 -31.56 -13.60
N SER C 209 0.63 -30.92 -13.03
CA SER C 209 1.82 -31.62 -12.56
C SER C 209 2.05 -31.54 -11.05
N VAL C 210 1.68 -30.40 -10.41
CA VAL C 210 2.04 -30.19 -9.01
C VAL C 210 0.94 -30.75 -8.09
N PRO C 211 -0.35 -30.38 -8.24
CA PRO C 211 -1.38 -30.91 -7.35
C PRO C 211 -1.74 -32.34 -7.71
N ALA C 212 -2.29 -33.07 -6.74
CA ALA C 212 -2.77 -34.44 -6.94
C ALA C 212 -4.04 -34.50 -7.78
N LEU C 213 -4.88 -33.46 -7.68
CA LEU C 213 -6.25 -33.49 -8.16
C LEU C 213 -6.42 -32.55 -9.35
N GLY C 214 -7.13 -33.07 -10.37
CA GLY C 214 -7.52 -32.33 -11.56
C GLY C 214 -6.55 -32.53 -12.72
N ARG C 215 -7.03 -33.17 -13.78
CA ARG C 215 -6.24 -33.34 -15.00
C ARG C 215 -7.09 -32.91 -16.20
N GLY C 216 -6.40 -32.29 -17.16
CA GLY C 216 -7.05 -31.77 -18.36
C GLY C 216 -6.28 -30.59 -18.96
N ASP C 217 -6.46 -30.38 -20.26
CA ASP C 217 -5.81 -29.27 -20.94
C ASP C 217 -6.70 -28.02 -20.90
N ASN C 218 -8.00 -28.17 -20.58
CA ASN C 218 -8.92 -27.06 -20.71
C ASN C 218 -9.80 -26.91 -19.47
N ALA C 219 -10.12 -25.65 -19.16
CA ALA C 219 -11.01 -25.28 -18.09
C ALA C 219 -12.26 -24.71 -18.74
N GLU C 220 -13.44 -25.14 -18.31
CA GLU C 220 -14.68 -24.71 -18.92
C GLU C 220 -15.71 -24.40 -17.83
N THR C 221 -16.53 -23.35 -18.03
CA THR C 221 -17.63 -23.09 -17.14
C THR C 221 -18.88 -22.73 -17.94
N TYR C 222 -20.02 -23.24 -17.47
CA TYR C 222 -21.32 -22.99 -18.03
C TYR C 222 -22.18 -22.53 -16.87
N THR C 223 -22.90 -21.43 -17.05
CA THR C 223 -23.54 -20.75 -15.94
C THR C 223 -24.84 -20.20 -16.46
N GLY C 224 -25.93 -20.53 -15.76
CA GLY C 224 -27.21 -19.94 -15.99
C GLY C 224 -27.74 -19.40 -14.67
N GLY C 225 -28.51 -18.31 -14.73
CA GLY C 225 -28.94 -17.64 -13.52
C GLY C 225 -30.20 -16.84 -13.75
N LEU C 226 -30.96 -16.65 -12.66
CA LEU C 226 -32.24 -15.99 -12.66
C LEU C 226 -32.24 -14.98 -11.52
N LYS C 227 -33.05 -13.94 -11.67
CA LYS C 227 -33.07 -12.85 -10.72
C LYS C 227 -34.42 -12.13 -10.73
N TYR C 228 -35.01 -12.00 -9.54
CA TYR C 228 -36.14 -11.12 -9.32
C TYR C 228 -35.71 -10.02 -8.34
N ASP C 229 -35.89 -8.75 -8.73
CA ASP C 229 -35.44 -7.61 -7.94
C ASP C 229 -36.38 -6.42 -8.14
N ALA C 230 -37.49 -6.42 -7.40
CA ALA C 230 -38.42 -5.30 -7.39
C ALA C 230 -39.35 -5.45 -6.19
N ASN C 231 -40.15 -4.39 -5.93
CA ASN C 231 -41.15 -4.41 -4.87
C ASN C 231 -40.54 -4.93 -3.57
N ASN C 232 -39.33 -4.42 -3.28
CA ASN C 232 -38.59 -4.70 -2.06
C ASN C 232 -38.14 -6.16 -1.95
N ILE C 233 -38.35 -6.97 -3.00
CA ILE C 233 -38.07 -8.39 -2.91
C ILE C 233 -36.83 -8.68 -3.74
N TYR C 234 -36.00 -9.62 -3.30
CA TYR C 234 -34.85 -10.05 -4.07
C TYR C 234 -34.74 -11.56 -3.99
N LEU C 235 -34.88 -12.23 -5.14
CA LEU C 235 -34.71 -13.67 -5.28
C LEU C 235 -33.66 -13.86 -6.35
N ALA C 236 -32.73 -14.79 -6.15
CA ALA C 236 -31.76 -14.99 -7.19
C ALA C 236 -31.20 -16.39 -7.07
N SER C 237 -30.86 -16.95 -8.22
CA SER C 237 -30.26 -18.27 -8.26
C SER C 237 -29.24 -18.32 -9.38
N GLN C 238 -28.34 -19.30 -9.29
CA GLN C 238 -27.26 -19.41 -10.24
C GLN C 238 -26.79 -20.86 -10.22
N TYR C 239 -26.69 -21.47 -11.41
CA TYR C 239 -26.23 -22.86 -11.51
C TYR C 239 -25.03 -22.86 -12.45
N THR C 240 -23.94 -23.52 -12.04
CA THR C 240 -22.71 -23.48 -12.78
C THR C 240 -22.07 -24.87 -12.80
N GLN C 241 -21.78 -25.35 -14.01
CA GLN C 241 -21.07 -26.60 -14.20
C GLN C 241 -19.67 -26.22 -14.66
N THR C 242 -18.65 -26.87 -14.07
CA THR C 242 -17.29 -26.53 -14.40
C THR C 242 -16.50 -27.80 -14.65
N TYR C 243 -15.41 -27.66 -15.42
CA TYR C 243 -14.54 -28.76 -15.81
C TYR C 243 -13.11 -28.25 -15.65
N ASN C 244 -12.39 -28.87 -14.69
CA ASN C 244 -11.01 -28.54 -14.37
C ASN C 244 -10.86 -27.09 -13.90
N ALA C 245 -11.94 -26.47 -13.38
CA ALA C 245 -11.95 -25.03 -13.12
C ALA C 245 -12.23 -24.70 -11.64
N THR C 246 -12.93 -25.58 -10.90
CA THR C 246 -13.27 -25.35 -9.51
C THR C 246 -12.21 -25.96 -8.59
N ARG C 247 -11.78 -25.16 -7.60
CA ARG C 247 -10.71 -25.56 -6.69
C ARG C 247 -11.26 -26.60 -5.72
N ALA C 248 -10.52 -27.72 -5.60
CA ALA C 248 -10.72 -28.75 -4.61
C ALA C 248 -9.87 -28.46 -3.37
N GLY C 249 -10.11 -27.28 -2.77
CA GLY C 249 -9.27 -26.75 -1.72
C GLY C 249 -7.81 -26.65 -2.16
N SER C 250 -6.92 -27.15 -1.31
CA SER C 250 -5.48 -27.08 -1.54
C SER C 250 -4.99 -28.27 -2.39
N LEU C 251 -5.88 -29.20 -2.75
CA LEU C 251 -5.47 -30.48 -3.33
C LEU C 251 -5.44 -30.45 -4.86
N GLY C 252 -6.18 -29.48 -5.43
CA GLY C 252 -6.07 -29.17 -6.84
C GLY C 252 -7.36 -28.58 -7.39
N PHE C 253 -7.82 -29.20 -8.48
CA PHE C 253 -9.09 -28.88 -9.09
C PHE C 253 -9.91 -30.14 -9.21
N ALA C 254 -11.24 -29.94 -9.23
CA ALA C 254 -12.21 -31.00 -9.48
C ALA C 254 -12.43 -31.17 -10.97
N ASN C 255 -12.21 -32.40 -11.48
CA ASN C 255 -12.33 -32.67 -12.90
C ASN C 255 -13.67 -32.18 -13.45
N LYS C 256 -14.76 -32.36 -12.68
CA LYS C 256 -15.98 -31.62 -12.96
C LYS C 256 -16.65 -31.30 -11.63
N ALA C 257 -17.43 -30.22 -11.62
CA ALA C 257 -18.13 -29.82 -10.41
C ALA C 257 -19.41 -29.10 -10.78
N GLN C 258 -20.35 -29.13 -9.83
CA GLN C 258 -21.63 -28.47 -9.97
C GLN C 258 -21.78 -27.52 -8.79
N ASN C 259 -22.06 -26.25 -9.07
CA ASN C 259 -22.20 -25.27 -8.00
C ASN C 259 -23.60 -24.69 -8.11
N PHE C 260 -24.26 -24.55 -6.95
CA PHE C 260 -25.60 -23.99 -6.90
C PHE C 260 -25.61 -22.95 -5.79
N GLU C 261 -26.23 -21.80 -6.06
CA GLU C 261 -26.43 -20.79 -5.01
C GLU C 261 -27.81 -20.16 -5.21
N VAL C 262 -28.50 -19.91 -4.10
CA VAL C 262 -29.82 -19.32 -4.17
C VAL C 262 -30.01 -18.49 -2.92
N VAL C 263 -30.80 -17.42 -3.03
CA VAL C 263 -30.88 -16.43 -1.98
C VAL C 263 -32.17 -15.65 -2.12
N ALA C 264 -32.75 -15.32 -0.97
CA ALA C 264 -33.95 -14.52 -0.89
C ALA C 264 -33.74 -13.45 0.16
N GLN C 265 -34.27 -12.25 -0.10
CA GLN C 265 -34.09 -11.13 0.80
C GLN C 265 -35.34 -10.25 0.72
N TYR C 266 -35.56 -9.47 1.79
CA TYR C 266 -36.67 -8.54 1.86
C TYR C 266 -36.13 -7.26 2.50
N GLN C 267 -36.45 -6.11 1.91
CA GLN C 267 -36.03 -4.82 2.38
C GLN C 267 -37.21 -4.14 3.04
N PHE C 268 -37.20 -4.07 4.38
CA PHE C 268 -38.16 -3.29 5.14
C PHE C 268 -37.89 -1.79 4.95
N ASP C 269 -38.92 -0.97 5.20
CA ASP C 269 -38.86 0.47 4.99
C ASP C 269 -38.04 1.17 6.07
N PHE C 270 -37.96 0.60 7.26
CA PHE C 270 -37.17 1.20 8.32
C PHE C 270 -35.68 0.85 8.20
N GLY C 271 -35.32 -0.03 7.25
CA GLY C 271 -33.93 -0.24 6.86
C GLY C 271 -33.41 -1.65 7.13
N LEU C 272 -34.18 -2.52 7.81
CA LEU C 272 -33.70 -3.86 8.07
C LEU C 272 -33.86 -4.72 6.81
N ARG C 273 -32.89 -5.60 6.56
CA ARG C 273 -32.86 -6.39 5.33
C ARG C 273 -32.46 -7.83 5.65
N PRO C 274 -33.42 -8.69 6.04
CA PRO C 274 -33.12 -10.10 6.29
C PRO C 274 -32.70 -10.85 5.03
N SER C 275 -32.00 -11.97 5.22
CA SER C 275 -31.40 -12.73 4.13
C SER C 275 -31.31 -14.20 4.52
N VAL C 276 -31.82 -15.07 3.64
CA VAL C 276 -31.58 -16.50 3.73
C VAL C 276 -30.98 -16.92 2.41
N ALA C 277 -30.08 -17.94 2.46
CA ALA C 277 -29.40 -18.41 1.28
C ALA C 277 -28.87 -19.82 1.49
N TYR C 278 -28.57 -20.46 0.37
CA TYR C 278 -28.11 -21.83 0.33
C TYR C 278 -27.05 -21.88 -0.75
N LEU C 279 -25.95 -22.61 -0.49
CA LEU C 279 -24.80 -22.62 -1.38
C LEU C 279 -24.18 -24.01 -1.36
N GLN C 280 -23.90 -24.55 -2.54
CA GLN C 280 -23.22 -25.83 -2.55
C GLN C 280 -22.33 -25.96 -3.77
N SER C 281 -21.33 -26.83 -3.63
CA SER C 281 -20.43 -27.17 -4.69
C SER C 281 -20.09 -28.65 -4.55
N LYS C 282 -20.55 -29.42 -5.54
CA LYS C 282 -20.43 -30.87 -5.57
C LYS C 282 -19.36 -31.21 -6.61
N GLY C 283 -18.30 -31.84 -6.16
CA GLY C 283 -17.21 -32.20 -7.04
C GLY C 283 -17.35 -33.66 -7.44
N LYS C 284 -16.88 -33.98 -8.65
CA LYS C 284 -17.07 -35.30 -9.23
C LYS C 284 -15.74 -35.78 -9.84
N ASP C 285 -15.59 -37.11 -9.85
CA ASP C 285 -14.49 -37.82 -10.49
C ASP C 285 -13.15 -37.29 -10.01
N LEU C 286 -13.00 -37.15 -8.68
CA LEU C 286 -11.72 -36.75 -8.12
C LEU C 286 -10.77 -37.95 -8.01
N GLU C 287 -9.46 -37.69 -8.10
CA GLU C 287 -8.46 -38.75 -8.13
C GLU C 287 -8.18 -39.24 -6.71
N ARG C 288 -7.29 -40.24 -6.58
CA ARG C 288 -6.78 -40.71 -5.30
C ARG C 288 -7.87 -41.34 -4.42
N GLY C 289 -8.94 -41.86 -5.01
CA GLY C 289 -9.98 -42.49 -4.21
C GLY C 289 -11.16 -41.58 -3.87
N TYR C 290 -11.03 -40.26 -4.03
CA TYR C 290 -12.03 -39.37 -3.48
C TYR C 290 -13.38 -39.51 -4.20
N GLY C 291 -13.39 -39.78 -5.52
CA GLY C 291 -14.64 -39.92 -6.26
C GLY C 291 -15.47 -38.64 -6.18
N ASP C 292 -16.73 -38.77 -5.81
CA ASP C 292 -17.60 -37.61 -5.64
C ASP C 292 -17.39 -37.02 -4.24
N GLN C 293 -17.27 -35.69 -4.14
CA GLN C 293 -17.14 -35.04 -2.86
C GLN C 293 -17.83 -33.68 -2.89
N ASP C 294 -18.41 -33.33 -1.75
CA ASP C 294 -18.85 -31.97 -1.49
C ASP C 294 -17.63 -31.11 -1.23
N ILE C 295 -17.57 -29.96 -1.92
CA ILE C 295 -16.49 -29.01 -1.75
C ILE C 295 -16.97 -27.89 -0.82
N LEU C 296 -18.27 -27.57 -0.92
CA LEU C 296 -18.87 -26.51 -0.13
C LEU C 296 -20.34 -26.85 0.05
N LYS C 297 -20.86 -26.76 1.28
CA LYS C 297 -22.28 -26.92 1.50
C LYS C 297 -22.72 -26.16 2.76
N TYR C 298 -23.58 -25.14 2.61
CA TYR C 298 -24.01 -24.41 3.79
C TYR C 298 -25.26 -23.57 3.55
N VAL C 299 -25.97 -23.31 4.67
CA VAL C 299 -27.15 -22.46 4.72
C VAL C 299 -26.74 -21.21 5.48
N ASP C 300 -27.27 -20.08 5.00
CA ASP C 300 -26.89 -18.77 5.47
C ASP C 300 -28.12 -17.94 5.81
N VAL C 301 -28.11 -17.40 7.01
CA VAL C 301 -29.19 -16.58 7.51
C VAL C 301 -28.53 -15.38 8.19
N GLY C 302 -29.09 -14.19 7.94
CA GLY C 302 -28.48 -12.96 8.42
C GLY C 302 -29.33 -11.75 8.11
N ALA C 303 -28.83 -10.57 8.45
CA ALA C 303 -29.57 -9.34 8.16
C ALA C 303 -28.62 -8.16 8.19
N THR C 304 -28.99 -7.13 7.43
CA THR C 304 -28.25 -5.89 7.37
C THR C 304 -29.22 -4.76 7.72
N TYR C 305 -28.87 -3.94 8.71
CA TYR C 305 -29.59 -2.72 9.01
C TYR C 305 -28.86 -1.54 8.38
N TYR C 306 -29.56 -0.78 7.52
CA TYR C 306 -29.02 0.39 6.85
C TYR C 306 -29.51 1.64 7.59
N PHE C 307 -28.60 2.28 8.34
CA PHE C 307 -28.86 3.59 8.94
C PHE C 307 -29.16 4.60 7.85
N ASN C 308 -28.32 4.60 6.80
CA ASN C 308 -28.49 5.45 5.61
C ASN C 308 -27.60 4.87 4.50
N LYS C 309 -27.37 5.66 3.44
CA LYS C 309 -26.55 5.21 2.33
C LYS C 309 -25.08 5.00 2.75
N ASN C 310 -24.64 5.58 3.88
CA ASN C 310 -23.22 5.64 4.23
C ASN C 310 -22.83 4.75 5.41
N MET C 311 -23.80 4.08 6.04
CA MET C 311 -23.55 3.46 7.33
C MET C 311 -24.53 2.32 7.54
N SER C 312 -23.97 1.14 7.85
CA SER C 312 -24.81 -0.01 8.09
C SER C 312 -24.14 -0.91 9.11
N THR C 313 -24.91 -1.89 9.59
CA THR C 313 -24.45 -2.89 10.53
C THR C 313 -25.14 -4.20 10.14
N TYR C 314 -24.51 -5.35 10.46
CA TYR C 314 -24.99 -6.61 9.93
C TYR C 314 -24.52 -7.80 10.78
N VAL C 315 -25.33 -8.87 10.70
CA VAL C 315 -24.97 -10.16 11.24
C VAL C 315 -25.15 -11.20 10.15
N ASP C 316 -24.29 -12.22 10.14
CA ASP C 316 -24.45 -13.28 9.15
C ASP C 316 -24.06 -14.59 9.83
N TYR C 317 -24.84 -15.64 9.54
CA TYR C 317 -24.72 -16.89 10.25
C TYR C 317 -24.65 -17.99 9.19
N LYS C 318 -23.44 -18.54 9.05
CA LYS C 318 -23.18 -19.62 8.12
C LYS C 318 -23.33 -20.92 8.90
N ILE C 319 -24.46 -21.62 8.64
CA ILE C 319 -24.69 -22.94 9.20
C ILE C 319 -24.05 -23.93 8.22
N ASN C 320 -22.92 -24.49 8.61
CA ASN C 320 -22.12 -25.33 7.74
C ASN C 320 -22.69 -26.73 7.70
N LEU C 321 -22.91 -27.29 6.50
CA LEU C 321 -23.50 -28.61 6.37
C LEU C 321 -22.48 -29.66 5.89
N LEU C 322 -21.17 -29.40 5.89
CA LEU C 322 -20.22 -30.41 5.43
C LEU C 322 -19.94 -31.43 6.53
N ASP C 323 -19.75 -32.68 6.14
CA ASP C 323 -19.22 -33.69 7.05
C ASP C 323 -17.71 -33.55 7.06
N ASP C 324 -17.14 -33.59 8.26
CA ASP C 324 -15.70 -33.61 8.41
C ASP C 324 -15.22 -35.01 7.98
N ASN C 325 -14.47 -35.06 6.88
CA ASN C 325 -13.98 -36.31 6.36
C ASN C 325 -12.52 -36.12 5.93
N SER C 326 -11.96 -37.16 5.30
CA SER C 326 -10.57 -37.20 4.87
C SER C 326 -10.31 -36.12 3.81
N PHE C 327 -11.26 -36.02 2.88
CA PHE C 327 -11.17 -34.99 1.86
C PHE C 327 -11.15 -33.59 2.50
N THR C 328 -12.12 -33.26 3.37
CA THR C 328 -12.20 -31.87 3.83
C THR C 328 -10.98 -31.51 4.69
N ARG C 329 -10.44 -32.51 5.40
CA ARG C 329 -9.25 -32.29 6.23
C ARG C 329 -8.01 -32.11 5.36
N ASN C 330 -7.84 -32.96 4.34
CA ASN C 330 -6.66 -32.89 3.48
C ASN C 330 -6.72 -31.65 2.58
N ALA C 331 -7.91 -31.27 2.15
CA ALA C 331 -8.06 -30.11 1.29
C ALA C 331 -8.09 -28.81 2.09
N GLY C 332 -8.19 -28.87 3.41
CA GLY C 332 -8.20 -27.64 4.21
C GLY C 332 -9.54 -26.92 4.09
N ILE C 333 -10.63 -27.67 3.87
CA ILE C 333 -11.95 -27.09 3.70
C ILE C 333 -12.57 -27.01 5.09
N SER C 334 -13.03 -25.81 5.46
CA SER C 334 -13.62 -25.60 6.76
C SER C 334 -14.98 -26.29 6.84
N THR C 335 -15.28 -26.89 7.99
CA THR C 335 -16.55 -27.57 8.20
C THR C 335 -17.28 -26.98 9.39
N ASP C 336 -16.69 -25.97 10.04
CA ASP C 336 -17.28 -25.32 11.20
C ASP C 336 -18.18 -24.17 10.79
N ASP C 337 -19.12 -23.82 11.67
CA ASP C 337 -20.03 -22.69 11.49
C ASP C 337 -19.30 -21.37 11.75
N VAL C 338 -19.94 -20.26 11.38
CA VAL C 338 -19.36 -18.95 11.54
C VAL C 338 -20.45 -17.91 11.78
N VAL C 339 -20.24 -17.06 12.78
CA VAL C 339 -21.06 -15.88 12.94
C VAL C 339 -20.21 -14.64 12.67
N ALA C 340 -20.80 -13.62 12.04
CA ALA C 340 -20.09 -12.39 11.78
C ALA C 340 -20.93 -11.20 12.23
N LEU C 341 -20.22 -10.25 12.86
CA LEU C 341 -20.80 -9.01 13.32
C LEU C 341 -19.99 -7.90 12.70
N GLY C 342 -20.68 -6.89 12.17
CA GLY C 342 -19.97 -5.84 11.49
C GLY C 342 -20.66 -4.49 11.63
N LEU C 343 -19.82 -3.45 11.56
CA LEU C 343 -20.23 -2.08 11.44
C LEU C 343 -19.44 -1.46 10.29
N VAL C 344 -20.14 -0.82 9.34
CA VAL C 344 -19.51 -0.36 8.13
C VAL C 344 -19.86 1.12 7.86
N TYR C 345 -18.81 1.91 7.71
CA TYR C 345 -18.83 3.25 7.14
C TYR C 345 -18.42 3.13 5.67
N GLN C 346 -19.21 3.77 4.77
CA GLN C 346 -18.94 3.80 3.34
C GLN C 346 -19.02 5.24 2.82
N PHE C 347 -18.19 5.56 1.82
CA PHE C 347 -18.16 6.88 1.20
C PHE C 347 -18.25 6.74 -0.34
S SO4 D . -4.40 -19.21 24.60
O1 SO4 D . -4.04 -19.94 25.78
O2 SO4 D . -5.28 -18.12 24.95
O3 SO4 D . -3.20 -18.69 23.98
O4 SO4 D . -5.08 -20.08 23.68
S SO4 E . 16.98 -4.72 -2.11
O1 SO4 E . 16.78 -5.36 -0.84
O2 SO4 E . 16.55 -3.35 -2.01
O3 SO4 E . 18.38 -4.78 -2.46
O4 SO4 E . 16.21 -5.40 -3.12
S SO4 F . 31.15 1.01 4.33
O1 SO4 F . 30.69 0.78 5.67
O2 SO4 F . 30.52 2.21 3.81
O3 SO4 F . 32.58 1.16 4.33
O4 SO4 F . 30.79 -0.12 3.51
S SO4 G . 0.05 -17.00 -5.27
O1 SO4 G . -0.49 -17.04 -3.93
O2 SO4 G . -0.48 -15.84 -5.96
O3 SO4 G . 1.48 -16.93 -5.21
O4 SO4 G . -0.34 -18.19 -5.97
S SO4 H . -1.79 -38.28 -12.88
O1 SO4 H . -1.16 -39.37 -12.16
O2 SO4 H . -3.23 -38.38 -12.74
O3 SO4 H . -1.33 -37.04 -12.36
O4 SO4 H . -1.44 -38.35 -14.28
S SO4 I . 4.82 -9.99 14.06
O1 SO4 I . 5.02 -10.37 15.43
O2 SO4 I . 3.50 -9.42 13.87
O3 SO4 I . 5.82 -9.02 13.69
O4 SO4 I . 4.95 -11.15 13.22
#